data_2Z7I
#
_entry.id   2Z7I
#
_cell.length_a   48.111
_cell.length_b   116.337
_cell.length_c   129.434
_cell.angle_alpha   90.00
_cell.angle_beta   90.00
_cell.angle_gamma   90.00
#
_symmetry.space_group_name_H-M   'P 21 21 21'
#
loop_
_entity.id
_entity.type
_entity.pdbx_description
1 polymer 'Geranylgeranyl pyrophosphate synthetase'
2 non-polymer 'MAGNESIUM ION'
3 non-polymer (2,2-DIPHOSPHONOETHYL)(DODECYL)DIMETHYLPHOSPHONIUM
4 water water
#
_entity_poly.entity_id   1
_entity_poly.type   'polypeptide(L)'
_entity_poly.pdbx_seq_one_letter_code
;MTKNKMEAKIDELINNDPVWSSQNESLISKPYNHILLKPGKNFRLNLIVQINRVMNLPKDQLAIVSQIVELLHNSSLLID
DIEDNAPLRRGQTTSHLIFGVPSTINTANYMYFRAMQLVSQLTTKEPLYHNLITIFNEELINLHRGQGLDIYWRDFLPEI
IPTQEMYLNMVMNKTGGLFRLTLRLMEALSPSSHHGHSLVPFINLLGIIYQIRDDYLNLKDFQMSSEKGFAEDITEGKLS
FPIVHALNFTKTKGQTEQHNEILRILLLRTSDKDIKLKLIQILEFDTNSLAYTKNFINQLVNMIKNDNENKYLPDLASHS
DTATNLHDELLYIIDHLSEL
;
_entity_poly.pdbx_strand_id   A,B
#
loop_
_chem_comp.id
_chem_comp.type
_chem_comp.name
_chem_comp.formula
742 non-polymer (2,2-DIPHOSPHONOETHYL)(DODECYL)DIMETHYLPHOSPHONIUM 'C16 H38 O6 P3 1'
MG non-polymer 'MAGNESIUM ION' 'Mg 2'
#
# COMPACT_ATOMS: atom_id res chain seq x y z
N ASN A 4 -25.46 -27.50 -17.47
CA ASN A 4 -24.26 -28.28 -17.04
C ASN A 4 -22.96 -27.72 -17.60
N LYS A 5 -23.05 -26.80 -18.57
CA LYS A 5 -21.87 -26.21 -19.19
C LYS A 5 -21.40 -24.94 -18.46
N MET A 6 -22.25 -24.40 -17.58
CA MET A 6 -21.89 -23.22 -16.79
C MET A 6 -21.14 -23.81 -15.62
N GLU A 7 -21.81 -24.77 -14.99
CA GLU A 7 -21.29 -25.51 -13.85
C GLU A 7 -19.93 -26.08 -14.22
N ALA A 8 -19.84 -26.65 -15.42
CA ALA A 8 -18.59 -27.25 -15.88
C ALA A 8 -17.47 -26.21 -15.97
N LYS A 9 -17.79 -25.05 -16.50
CA LYS A 9 -16.80 -24.03 -16.64
C LYS A 9 -16.49 -23.43 -15.27
N ILE A 10 -17.49 -23.26 -14.42
CA ILE A 10 -17.21 -22.75 -13.10
C ILE A 10 -16.27 -23.78 -12.47
N ASP A 11 -16.56 -25.07 -12.67
CA ASP A 11 -15.69 -26.10 -12.10
C ASP A 11 -14.24 -25.93 -12.51
N GLU A 12 -14.01 -25.74 -13.80
CA GLU A 12 -12.64 -25.58 -14.29
C GLU A 12 -11.98 -24.32 -13.65
N LEU A 13 -12.73 -23.24 -13.61
CA LEU A 13 -12.23 -21.99 -13.06
C LEU A 13 -11.69 -22.15 -11.63
N ILE A 14 -12.51 -22.71 -10.76
CA ILE A 14 -12.13 -22.85 -9.38
C ILE A 14 -11.11 -23.93 -9.03
N ASN A 15 -10.81 -24.82 -9.99
CA ASN A 15 -9.83 -25.88 -9.74
C ASN A 15 -8.49 -25.53 -10.34
N ASN A 16 -8.37 -24.27 -10.77
CA ASN A 16 -7.14 -23.77 -11.36
C ASN A 16 -6.65 -22.49 -10.67
N ASP A 17 -5.40 -22.17 -10.91
CA ASP A 17 -4.86 -20.95 -10.38
C ASP A 17 -5.57 -19.82 -11.10
N PRO A 18 -5.57 -18.64 -10.48
CA PRO A 18 -6.26 -17.54 -11.17
C PRO A 18 -5.54 -17.20 -12.44
N VAL A 19 -6.30 -16.87 -13.47
CA VAL A 19 -5.74 -16.51 -14.76
C VAL A 19 -5.19 -15.09 -14.74
N TRP A 20 -4.01 -14.91 -15.34
CA TRP A 20 -3.36 -13.60 -15.40
C TRP A 20 -2.45 -13.58 -16.61
N SER A 21 -2.70 -12.68 -17.55
CA SER A 21 -1.90 -12.58 -18.78
C SER A 21 -0.82 -11.51 -18.72
N SER A 22 0.14 -11.62 -19.64
CA SER A 22 1.24 -10.68 -19.71
C SER A 22 0.65 -9.36 -20.18
N GLN A 23 -0.49 -9.43 -20.88
CA GLN A 23 -1.17 -8.21 -21.31
C GLN A 23 -1.68 -7.49 -20.00
N ASN A 24 -2.37 -8.23 -19.13
CA ASN A 24 -2.89 -7.68 -17.86
C ASN A 24 -1.72 -7.05 -17.13
N GLU A 25 -0.62 -7.81 -16.99
CA GLU A 25 0.59 -7.34 -16.31
C GLU A 25 1.09 -5.97 -16.82
N SER A 26 1.12 -5.80 -18.14
CA SER A 26 1.54 -4.53 -18.71
C SER A 26 0.55 -3.40 -18.37
N LEU A 27 -0.74 -3.68 -18.51
CA LEU A 27 -1.74 -2.64 -18.21
C LEU A 27 -1.61 -2.08 -16.78
N ILE A 28 -1.43 -2.94 -15.79
CA ILE A 28 -1.34 -2.43 -14.44
C ILE A 28 0.07 -1.93 -14.11
N SER A 29 1.05 -2.12 -15.00
CA SER A 29 2.38 -1.62 -14.67
C SER A 29 2.61 -0.20 -15.12
N LYS A 30 1.60 0.40 -15.77
CA LYS A 30 1.78 1.73 -16.31
C LYS A 30 2.36 2.80 -15.38
N PRO A 31 1.81 2.95 -14.16
CA PRO A 31 2.35 4.01 -13.27
C PRO A 31 3.82 3.76 -12.90
N TYR A 32 4.17 2.49 -12.83
CA TYR A 32 5.52 2.10 -12.45
C TYR A 32 6.47 2.37 -13.62
N ASN A 33 6.13 1.90 -14.82
CA ASN A 33 7.00 2.13 -15.96
C ASN A 33 7.29 3.62 -16.17
N HIS A 34 6.31 4.48 -15.89
CA HIS A 34 6.52 5.92 -16.06
C HIS A 34 7.59 6.49 -15.09
N ILE A 35 7.58 6.05 -13.82
CA ILE A 35 8.57 6.62 -12.93
C ILE A 35 9.96 6.07 -13.23
N LEU A 36 10.02 4.93 -13.92
CA LEU A 36 11.31 4.34 -14.30
C LEU A 36 12.09 5.31 -15.15
N LEU A 37 11.40 5.99 -16.06
CA LEU A 37 12.05 6.96 -16.94
C LEU A 37 12.77 8.11 -16.21
N LYS A 38 12.57 8.23 -14.89
CA LYS A 38 13.23 9.28 -14.14
C LYS A 38 14.65 8.84 -13.76
N PRO A 39 15.61 9.77 -13.76
CA PRO A 39 17.00 9.41 -13.41
C PRO A 39 17.25 9.19 -11.93
N GLY A 40 18.44 8.65 -11.63
CA GLY A 40 18.85 8.37 -10.27
C GLY A 40 19.34 6.94 -10.05
N LYS A 41 18.97 6.02 -10.93
CA LYS A 41 19.34 4.60 -10.85
C LYS A 41 20.83 4.36 -10.71
N ASN A 42 21.60 4.99 -11.59
CA ASN A 42 23.03 4.84 -11.58
C ASN A 42 23.71 5.29 -10.29
N PHE A 43 23.18 6.32 -9.62
CA PHE A 43 23.77 6.77 -8.37
C PHE A 43 23.42 5.79 -7.26
N ARG A 44 22.24 5.19 -7.31
CA ARG A 44 21.89 4.21 -6.29
C ARG A 44 22.76 2.97 -6.50
N LEU A 45 22.98 2.59 -7.74
CA LEU A 45 23.83 1.44 -8.05
C LEU A 45 25.26 1.74 -7.57
N ASN A 46 25.79 2.91 -7.90
CA ASN A 46 27.13 3.25 -7.45
C ASN A 46 27.37 3.08 -5.93
N LEU A 47 26.41 3.53 -5.13
CA LEU A 47 26.55 3.41 -3.68
C LEU A 47 26.59 1.94 -3.25
N ILE A 48 25.68 1.13 -3.82
CA ILE A 48 25.61 -0.28 -3.53
C ILE A 48 26.93 -0.97 -3.91
N VAL A 49 27.48 -0.61 -5.08
CA VAL A 49 28.73 -1.20 -5.56
C VAL A 49 29.89 -0.86 -4.65
N GLN A 50 29.96 0.39 -4.22
CA GLN A 50 31.05 0.79 -3.35
C GLN A 50 30.96 0.07 -2.03
N ILE A 51 29.74 -0.09 -1.53
CA ILE A 51 29.54 -0.79 -0.28
C ILE A 51 29.87 -2.27 -0.48
N ASN A 52 29.66 -2.77 -1.69
CA ASN A 52 29.99 -4.18 -1.87
C ASN A 52 31.52 -4.44 -1.85
N ARG A 53 32.33 -3.40 -2.01
CA ARG A 53 33.77 -3.58 -1.94
C ARG A 53 34.11 -4.04 -0.52
N VAL A 54 33.16 -3.86 0.39
CA VAL A 54 33.38 -4.27 1.77
C VAL A 54 32.65 -5.58 2.05
N MET A 55 31.47 -5.77 1.45
CA MET A 55 30.66 -6.98 1.68
C MET A 55 30.94 -8.15 0.72
N ASN A 56 31.42 -7.86 -0.46
CA ASN A 56 31.76 -8.91 -1.44
C ASN A 56 30.66 -9.89 -1.82
N LEU A 57 29.50 -9.40 -2.20
CA LEU A 57 28.48 -10.35 -2.61
C LEU A 57 28.84 -10.64 -4.06
N PRO A 58 28.57 -11.85 -4.50
CA PRO A 58 28.84 -12.27 -5.89
C PRO A 58 27.89 -11.41 -6.76
N LYS A 59 28.39 -10.85 -7.86
CA LYS A 59 27.60 -9.97 -8.70
C LYS A 59 26.16 -10.37 -9.01
N ASP A 60 25.88 -11.67 -9.08
CA ASP A 60 24.51 -12.16 -9.32
C ASP A 60 23.61 -11.76 -8.13
N GLN A 61 24.07 -12.05 -6.91
CA GLN A 61 23.31 -11.71 -5.72
C GLN A 61 23.14 -10.18 -5.59
N LEU A 62 24.21 -9.45 -5.81
CA LEU A 62 24.14 -8.01 -5.72
C LEU A 62 23.10 -7.49 -6.72
N ALA A 63 23.00 -8.12 -7.89
CA ALA A 63 22.01 -7.64 -8.87
C ALA A 63 20.56 -7.74 -8.32
N ILE A 64 20.26 -8.80 -7.57
CA ILE A 64 18.94 -9.01 -7.00
C ILE A 64 18.68 -8.01 -5.85
N VAL A 65 19.70 -7.72 -5.06
CA VAL A 65 19.55 -6.76 -3.99
C VAL A 65 19.20 -5.41 -4.66
N SER A 66 19.89 -5.13 -5.75
CA SER A 66 19.71 -3.92 -6.50
C SER A 66 18.28 -3.86 -7.05
N GLN A 67 17.76 -4.97 -7.54
CA GLN A 67 16.40 -4.96 -8.05
C GLN A 67 15.35 -4.74 -6.96
N ILE A 68 15.56 -5.36 -5.81
CA ILE A 68 14.62 -5.21 -4.71
C ILE A 68 14.60 -3.75 -4.33
N VAL A 69 15.77 -3.18 -4.13
CA VAL A 69 15.91 -1.80 -3.76
C VAL A 69 15.23 -0.85 -4.76
N GLU A 70 15.37 -1.12 -6.06
CA GLU A 70 14.75 -0.25 -7.06
C GLU A 70 13.22 -0.33 -6.99
N LEU A 71 12.68 -1.54 -6.79
CA LEU A 71 11.25 -1.73 -6.69
C LEU A 71 10.73 -0.96 -5.46
N LEU A 72 11.38 -1.12 -4.30
CA LEU A 72 10.91 -0.46 -3.10
C LEU A 72 11.00 1.05 -3.14
N HIS A 73 12.11 1.56 -3.67
CA HIS A 73 12.33 2.99 -3.78
C HIS A 73 11.34 3.65 -4.73
N ASN A 74 11.22 3.11 -5.94
CA ASN A 74 10.30 3.67 -6.92
C ASN A 74 8.85 3.62 -6.41
N SER A 75 8.47 2.52 -5.77
CA SER A 75 7.08 2.37 -5.22
C SER A 75 6.86 3.37 -4.10
N SER A 76 7.85 3.47 -3.23
CA SER A 76 7.76 4.42 -2.13
C SER A 76 7.59 5.88 -2.70
N LEU A 77 8.24 6.17 -3.83
CA LEU A 77 8.12 7.52 -4.41
C LEU A 77 6.74 7.76 -5.04
N LEU A 78 6.20 6.74 -5.71
CA LEU A 78 4.88 6.86 -6.31
C LEU A 78 3.89 7.19 -5.17
N ILE A 79 3.99 6.46 -4.05
CA ILE A 79 3.06 6.68 -2.92
C ILE A 79 3.33 8.05 -2.27
N ASP A 80 4.61 8.38 -2.09
CA ASP A 80 4.99 9.64 -1.48
C ASP A 80 4.39 10.85 -2.23
N ASP A 81 4.47 10.83 -3.57
CA ASP A 81 3.93 11.95 -4.35
C ASP A 81 2.39 12.01 -4.26
N ILE A 82 1.73 10.86 -4.09
CA ILE A 82 0.29 10.89 -3.91
C ILE A 82 0.00 11.49 -2.51
N GLU A 83 0.71 11.02 -1.49
CA GLU A 83 0.50 11.50 -0.11
C GLU A 83 0.84 12.98 0.08
N ASP A 84 1.79 13.48 -0.72
CA ASP A 84 2.20 14.86 -0.67
C ASP A 84 1.47 15.72 -1.75
N ASN A 85 0.64 15.09 -2.58
CA ASN A 85 -0.05 15.77 -3.68
C ASN A 85 1.00 16.52 -4.56
N ALA A 86 2.13 15.86 -4.84
CA ALA A 86 3.20 16.46 -5.60
C ALA A 86 2.93 16.45 -7.10
N PRO A 87 3.10 17.59 -7.73
CA PRO A 87 2.86 17.69 -9.16
C PRO A 87 4.08 17.24 -10.02
N LEU A 88 5.27 17.25 -9.46
CA LEU A 88 6.46 16.91 -10.24
C LEU A 88 7.45 16.12 -9.44
N ARG A 89 8.23 15.29 -10.11
CA ARG A 89 9.27 14.49 -9.46
C ARG A 89 10.42 14.48 -10.50
N ARG A 90 11.61 14.92 -10.12
CA ARG A 90 12.77 14.99 -11.06
C ARG A 90 12.35 15.63 -12.39
N GLY A 91 11.76 16.82 -12.33
CA GLY A 91 11.37 17.51 -13.55
C GLY A 91 10.17 17.02 -14.39
N GLN A 92 9.59 15.86 -14.07
CA GLN A 92 8.46 15.40 -14.85
C GLN A 92 7.19 15.19 -14.09
N THR A 93 6.11 15.06 -14.84
CA THR A 93 4.83 14.82 -14.27
C THR A 93 4.81 13.53 -13.48
N THR A 94 4.22 13.71 -12.33
CA THR A 94 4.04 12.71 -11.32
C THR A 94 3.02 11.70 -11.86
N SER A 95 3.25 10.40 -11.66
CA SER A 95 2.34 9.39 -12.19
C SER A 95 0.89 9.45 -11.83
N HIS A 96 0.60 9.81 -10.59
CA HIS A 96 -0.81 9.80 -10.20
C HIS A 96 -1.62 10.83 -11.00
N LEU A 97 -0.97 11.87 -11.52
CA LEU A 97 -1.69 12.87 -12.30
C LEU A 97 -1.96 12.35 -13.71
N ILE A 98 -1.28 11.29 -14.09
CA ILE A 98 -1.50 10.78 -15.45
C ILE A 98 -2.43 9.60 -15.44
N PHE A 99 -2.12 8.58 -14.64
CA PHE A 99 -2.93 7.37 -14.55
C PHE A 99 -3.96 7.39 -13.45
N GLY A 100 -3.93 8.43 -12.60
CA GLY A 100 -4.88 8.57 -11.52
C GLY A 100 -4.38 8.01 -10.21
N VAL A 101 -4.88 8.55 -9.11
CA VAL A 101 -4.47 8.06 -7.79
C VAL A 101 -4.83 6.57 -7.58
N PRO A 102 -6.04 6.15 -7.97
CA PRO A 102 -6.35 4.73 -7.73
C PRO A 102 -5.35 3.72 -8.37
N SER A 103 -5.11 3.79 -9.69
CA SER A 103 -4.14 2.85 -10.27
C SER A 103 -2.73 2.96 -9.67
N THR A 104 -2.28 4.19 -9.41
CA THR A 104 -0.94 4.38 -8.89
C THR A 104 -0.76 3.79 -7.48
N ILE A 105 -1.76 3.94 -6.60
CA ILE A 105 -1.64 3.36 -5.30
C ILE A 105 -1.52 1.83 -5.45
N ASN A 106 -2.45 1.25 -6.19
CA ASN A 106 -2.44 -0.19 -6.35
C ASN A 106 -1.12 -0.73 -6.97
N THR A 107 -0.59 -0.06 -7.99
CA THR A 107 0.63 -0.53 -8.65
C THR A 107 1.82 -0.42 -7.70
N ALA A 108 1.91 0.71 -7.00
CA ALA A 108 3.01 0.91 -6.07
C ALA A 108 2.98 -0.23 -5.03
N ASN A 109 1.80 -0.47 -4.47
CA ASN A 109 1.63 -1.50 -3.46
C ASN A 109 1.92 -2.87 -4.09
N TYR A 110 1.45 -3.09 -5.32
CA TYR A 110 1.72 -4.36 -6.03
C TYR A 110 3.24 -4.57 -6.05
N MET A 111 3.97 -3.52 -6.39
CA MET A 111 5.43 -3.64 -6.45
C MET A 111 6.15 -3.89 -5.12
N TYR A 112 5.53 -3.56 -3.99
CA TYR A 112 6.15 -3.91 -2.71
C TYR A 112 6.16 -5.44 -2.65
N PHE A 113 5.05 -6.06 -3.04
CA PHE A 113 5.00 -7.51 -2.98
C PHE A 113 5.88 -8.23 -4.00
N ARG A 114 6.12 -7.60 -5.15
CA ARG A 114 7.00 -8.21 -6.12
C ARG A 114 8.40 -8.11 -5.52
N ALA A 115 8.68 -7.00 -4.83
CA ALA A 115 10.01 -6.88 -4.25
C ALA A 115 10.18 -7.98 -3.21
N MET A 116 9.12 -8.21 -2.45
CA MET A 116 9.17 -9.22 -1.41
C MET A 116 9.51 -10.58 -2.00
N GLN A 117 8.92 -10.88 -3.15
CA GLN A 117 9.09 -12.14 -3.86
C GLN A 117 10.57 -12.38 -4.24
N LEU A 118 11.27 -11.35 -4.71
CA LEU A 118 12.68 -11.47 -5.07
C LEU A 118 13.61 -11.92 -3.91
N VAL A 119 13.23 -11.61 -2.69
CA VAL A 119 14.07 -11.99 -1.56
C VAL A 119 14.32 -13.50 -1.62
N SER A 120 13.32 -14.27 -2.06
CA SER A 120 13.51 -15.70 -2.12
C SER A 120 14.53 -16.11 -3.21
N GLN A 121 14.94 -15.17 -4.06
CA GLN A 121 15.94 -15.55 -5.03
C GLN A 121 17.34 -15.34 -4.46
N LEU A 122 17.47 -14.85 -3.24
CA LEU A 122 18.81 -14.57 -2.75
C LEU A 122 19.58 -15.74 -2.14
N THR A 123 18.89 -16.81 -1.77
CA THR A 123 19.53 -17.95 -1.10
C THR A 123 18.58 -19.13 -0.97
N THR A 124 19.15 -20.34 -0.82
CA THR A 124 18.31 -21.53 -0.62
C THR A 124 18.35 -21.89 0.87
N LYS A 125 19.33 -21.37 1.58
CA LYS A 125 19.44 -21.66 2.99
C LYS A 125 18.23 -21.08 3.74
N GLU A 126 17.42 -21.96 4.32
CA GLU A 126 16.21 -21.57 5.06
C GLU A 126 16.39 -20.61 6.24
N PRO A 127 17.46 -20.77 7.04
CA PRO A 127 17.63 -19.84 8.18
C PRO A 127 18.00 -18.43 7.68
N LEU A 128 18.82 -18.37 6.64
CA LEU A 128 19.22 -17.11 6.07
C LEU A 128 17.98 -16.41 5.47
N TYR A 129 17.16 -17.18 4.77
CA TYR A 129 15.96 -16.67 4.14
C TYR A 129 15.08 -15.95 5.15
N HIS A 130 14.86 -16.60 6.30
CA HIS A 130 14.06 -16.06 7.39
C HIS A 130 14.66 -14.73 7.90
N ASN A 131 15.98 -14.66 7.97
CA ASN A 131 16.59 -13.43 8.45
C ASN A 131 16.42 -12.32 7.40
N LEU A 132 16.49 -12.70 6.13
CA LEU A 132 16.34 -11.72 5.06
C LEU A 132 14.92 -11.18 5.03
N ILE A 133 13.93 -12.04 5.19
CA ILE A 133 12.56 -11.56 5.17
C ILE A 133 12.25 -10.68 6.39
N THR A 134 12.89 -11.00 7.53
CA THR A 134 12.67 -10.27 8.77
C THR A 134 13.22 -8.88 8.58
N ILE A 135 14.36 -8.79 7.89
CA ILE A 135 15.02 -7.50 7.65
C ILE A 135 14.11 -6.70 6.73
N PHE A 136 13.56 -7.38 5.72
CA PHE A 136 12.66 -6.74 4.78
C PHE A 136 11.44 -6.22 5.55
N ASN A 137 10.84 -7.08 6.39
CA ASN A 137 9.62 -6.72 7.13
C ASN A 137 9.85 -5.55 8.12
N GLU A 138 10.92 -5.62 8.89
CA GLU A 138 11.24 -4.61 9.88
C GLU A 138 11.44 -3.23 9.32
N GLU A 139 12.23 -3.13 8.26
CA GLU A 139 12.51 -1.83 7.69
C GLU A 139 11.30 -1.27 6.96
N LEU A 140 10.46 -2.10 6.31
CA LEU A 140 9.27 -1.57 5.64
C LEU A 140 8.35 -1.05 6.79
N ILE A 141 8.34 -1.74 7.93
CA ILE A 141 7.52 -1.29 9.06
C ILE A 141 8.11 0.05 9.51
N ASN A 142 9.43 0.14 9.60
CA ASN A 142 10.05 1.41 9.99
C ASN A 142 9.73 2.59 9.04
N LEU A 143 9.79 2.33 7.74
CA LEU A 143 9.50 3.37 6.75
C LEU A 143 8.08 3.92 6.96
N HIS A 144 7.12 3.04 7.14
CA HIS A 144 5.74 3.46 7.30
C HIS A 144 5.52 4.25 8.60
N ARG A 145 6.22 3.88 9.66
CA ARG A 145 6.09 4.60 10.93
C ARG A 145 6.55 6.03 10.75
N GLY A 146 7.74 6.21 10.17
CA GLY A 146 8.29 7.53 9.96
C GLY A 146 7.43 8.36 9.02
N GLN A 147 7.04 7.73 7.91
CA GLN A 147 6.16 8.38 6.92
C GLN A 147 4.82 8.78 7.62
N GLY A 148 4.28 7.89 8.42
CA GLY A 148 3.02 8.20 9.11
C GLY A 148 3.12 9.43 9.99
N LEU A 149 4.24 9.57 10.72
CA LEU A 149 4.46 10.74 11.59
C LEU A 149 4.60 12.01 10.80
N ASP A 150 5.42 11.96 9.75
CA ASP A 150 5.65 13.10 8.89
C ASP A 150 4.29 13.67 8.38
N ILE A 151 3.48 12.80 7.80
CA ILE A 151 2.16 13.15 7.25
C ILE A 151 1.19 13.68 8.39
N TYR A 152 1.15 12.96 9.52
CA TYR A 152 0.26 13.36 10.61
C TYR A 152 0.60 14.78 11.05
N TRP A 153 1.88 15.06 11.34
CA TRP A 153 2.29 16.40 11.76
C TRP A 153 1.89 17.47 10.76
N ARG A 154 2.08 17.17 9.50
CA ARG A 154 1.76 18.15 8.45
C ARG A 154 0.26 18.39 8.29
N ASP A 155 -0.51 17.32 8.19
CA ASP A 155 -1.95 17.42 7.97
C ASP A 155 -2.78 17.84 9.18
N PHE A 156 -2.22 17.72 10.36
CA PHE A 156 -2.96 18.11 11.56
C PHE A 156 -2.37 19.30 12.28
N LEU A 157 -1.36 19.91 11.66
CA LEU A 157 -0.70 21.09 12.20
C LEU A 157 -1.88 22.06 12.53
N PRO A 158 -1.79 22.81 13.65
CA PRO A 158 -0.71 22.86 14.64
C PRO A 158 -0.91 21.96 15.87
N GLU A 159 -1.61 20.83 15.71
CA GLU A 159 -1.84 19.92 16.84
C GLU A 159 -0.52 19.51 17.48
N ILE A 160 0.49 19.21 16.66
CA ILE A 160 1.78 18.82 17.18
C ILE A 160 2.90 19.61 16.51
N ILE A 161 3.70 20.32 17.29
CA ILE A 161 4.82 21.06 16.78
C ILE A 161 5.99 20.18 17.23
N PRO A 162 6.61 19.43 16.30
CA PRO A 162 7.73 18.56 16.65
C PRO A 162 8.98 19.33 17.00
N THR A 163 9.79 18.77 17.89
CA THR A 163 11.04 19.41 18.23
C THR A 163 12.08 18.80 17.28
N GLN A 164 13.32 19.29 17.36
CA GLN A 164 14.40 18.79 16.55
C GLN A 164 14.62 17.30 16.85
N GLU A 165 14.49 16.93 18.12
CA GLU A 165 14.65 15.57 18.53
C GLU A 165 13.57 14.69 17.89
N MET A 166 12.31 15.14 17.93
CA MET A 166 11.26 14.33 17.32
C MET A 166 11.49 14.17 15.79
N TYR A 167 11.89 15.26 15.14
CA TYR A 167 12.13 15.23 13.70
C TYR A 167 13.16 14.16 13.35
N LEU A 168 14.28 14.16 14.07
CA LEU A 168 15.39 13.25 13.82
C LEU A 168 14.97 11.79 14.01
N ASN A 169 14.12 11.52 15.00
CA ASN A 169 13.66 10.13 15.20
C ASN A 169 12.74 9.77 14.03
N MET A 170 11.91 10.70 13.60
CA MET A 170 11.02 10.44 12.46
C MET A 170 11.92 10.11 11.20
N VAL A 171 12.99 10.86 10.99
CA VAL A 171 13.84 10.62 9.86
C VAL A 171 14.58 9.28 9.93
N MET A 172 14.98 8.88 11.15
CA MET A 172 15.68 7.62 11.36
C MET A 172 14.79 6.49 10.83
N ASN A 173 13.46 6.68 10.97
CA ASN A 173 12.47 5.72 10.48
C ASN A 173 12.14 5.92 9.01
N LYS A 174 11.67 7.13 8.68
CA LYS A 174 11.25 7.44 7.32
C LYS A 174 12.34 7.32 6.23
N THR A 175 13.52 7.86 6.48
CA THR A 175 14.55 7.85 5.44
C THR A 175 15.56 6.74 5.69
N GLY A 176 15.93 6.55 6.95
CA GLY A 176 16.84 5.49 7.31
C GLY A 176 16.33 4.12 6.85
N GLY A 177 15.02 3.95 6.83
CA GLY A 177 14.46 2.68 6.41
C GLY A 177 15.13 1.97 5.24
N LEU A 178 15.11 2.55 4.03
CA LEU A 178 15.70 1.92 2.85
C LEU A 178 17.21 1.81 2.84
N PHE A 179 17.89 2.78 3.45
CA PHE A 179 19.35 2.74 3.59
C PHE A 179 19.72 1.49 4.44
N ARG A 180 19.04 1.35 5.58
CA ARG A 180 19.30 0.23 6.48
C ARG A 180 18.84 -1.10 5.85
N LEU A 181 17.73 -1.09 5.10
CA LEU A 181 17.25 -2.34 4.50
C LEU A 181 18.36 -2.90 3.59
N THR A 182 18.80 -2.06 2.65
CA THR A 182 19.83 -2.43 1.69
C THR A 182 21.09 -2.91 2.39
N LEU A 183 21.59 -2.12 3.34
CA LEU A 183 22.81 -2.50 4.01
C LEU A 183 22.67 -3.76 4.83
N ARG A 184 21.55 -3.91 5.54
CA ARG A 184 21.36 -5.11 6.33
C ARG A 184 21.27 -6.35 5.44
N LEU A 185 20.61 -6.26 4.29
CA LEU A 185 20.52 -7.44 3.41
C LEU A 185 21.95 -7.81 2.99
N MET A 186 22.75 -6.81 2.60
CA MET A 186 24.11 -7.07 2.17
C MET A 186 24.97 -7.67 3.28
N GLU A 187 24.84 -7.15 4.49
CA GLU A 187 25.64 -7.68 5.58
C GLU A 187 25.23 -9.08 5.96
N ALA A 188 23.97 -9.45 5.77
CA ALA A 188 23.54 -10.79 6.13
C ALA A 188 23.98 -11.77 5.04
N LEU A 189 24.21 -11.27 3.84
CA LEU A 189 24.59 -12.14 2.74
C LEU A 189 26.09 -12.21 2.56
N SER A 190 26.79 -11.26 3.15
CA SER A 190 28.20 -11.18 3.02
C SER A 190 28.91 -12.48 3.35
N PRO A 191 29.80 -12.90 2.46
CA PRO A 191 30.58 -14.11 2.61
C PRO A 191 31.69 -13.75 3.60
N SER A 192 32.23 -12.54 3.40
CA SER A 192 33.32 -11.94 4.17
C SER A 192 33.28 -12.07 5.73
N GLY A 196 35.16 -6.32 10.30
CA GLY A 196 34.97 -4.90 10.71
C GLY A 196 33.62 -4.71 11.39
N HIS A 197 33.46 -3.55 12.05
CA HIS A 197 32.21 -3.21 12.75
C HIS A 197 31.06 -3.09 11.71
N SER A 198 29.80 -3.12 12.18
CA SER A 198 28.67 -2.97 11.26
C SER A 198 28.66 -1.53 10.68
N LEU A 199 28.17 -1.37 9.45
CA LEU A 199 28.06 -0.06 8.81
C LEU A 199 26.66 0.60 9.04
N VAL A 200 25.80 -0.01 9.87
CA VAL A 200 24.49 0.58 10.08
C VAL A 200 24.60 2.02 10.60
N PRO A 201 25.45 2.27 11.62
CA PRO A 201 25.55 3.63 12.12
C PRO A 201 25.86 4.58 10.98
N PHE A 202 26.84 4.20 10.16
CA PHE A 202 27.24 5.00 9.01
C PHE A 202 26.09 5.25 8.02
N ILE A 203 25.31 4.19 7.72
CA ILE A 203 24.23 4.30 6.74
C ILE A 203 23.09 5.14 7.28
N ASN A 204 22.89 5.11 8.61
CA ASN A 204 21.85 5.92 9.26
C ASN A 204 22.29 7.40 9.09
N LEU A 205 23.58 7.67 9.30
CA LEU A 205 24.11 9.04 9.18
C LEU A 205 23.94 9.55 7.76
N LEU A 206 24.15 8.66 6.79
CA LEU A 206 23.95 9.01 5.40
C LEU A 206 22.47 9.37 5.18
N GLY A 207 21.57 8.58 5.79
CA GLY A 207 20.14 8.82 5.68
C GLY A 207 19.74 10.17 6.26
N ILE A 208 20.28 10.50 7.43
CA ILE A 208 19.98 11.78 8.07
C ILE A 208 20.56 12.95 7.25
N ILE A 209 21.77 12.80 6.74
CA ILE A 209 22.31 13.90 5.91
C ILE A 209 21.46 14.03 4.64
N TYR A 210 21.12 12.89 4.03
CA TYR A 210 20.28 12.92 2.86
C TYR A 210 18.98 13.73 3.15
N GLN A 211 18.26 13.39 4.22
CA GLN A 211 16.98 14.10 4.44
C GLN A 211 17.06 15.59 4.74
N ILE A 212 17.98 15.97 5.62
CA ILE A 212 18.09 17.37 5.95
C ILE A 212 18.57 18.19 4.73
N ARG A 213 19.45 17.60 3.92
CA ARG A 213 19.92 18.31 2.73
C ARG A 213 18.77 18.49 1.73
N ASP A 214 17.93 17.45 1.64
CA ASP A 214 16.76 17.45 0.77
C ASP A 214 15.87 18.62 1.26
N ASP A 215 15.56 18.64 2.56
CA ASP A 215 14.73 19.74 3.14
C ASP A 215 15.38 21.12 2.86
N TYR A 216 16.69 21.23 3.04
CA TYR A 216 17.43 22.47 2.87
C TYR A 216 17.42 22.98 1.43
N LEU A 217 17.78 22.09 0.50
CA LEU A 217 17.83 22.47 -0.91
C LEU A 217 16.47 22.82 -1.49
N ASN A 218 15.42 22.23 -0.96
CA ASN A 218 14.08 22.54 -1.44
C ASN A 218 13.81 24.05 -1.31
N LEU A 219 14.32 24.68 -0.26
CA LEU A 219 14.10 26.11 -0.05
C LEU A 219 15.23 26.97 -0.57
N LYS A 220 16.43 26.43 -0.57
CA LYS A 220 17.58 27.23 -0.96
C LYS A 220 17.74 27.39 -2.44
N ASP A 221 17.31 26.41 -3.23
CA ASP A 221 17.45 26.58 -4.68
C ASP A 221 16.42 27.62 -5.17
N PHE A 222 15.31 27.75 -4.43
CA PHE A 222 14.27 28.71 -4.75
C PHE A 222 14.79 30.09 -4.33
N GLN A 223 15.26 30.20 -3.08
CA GLN A 223 15.81 31.45 -2.62
C GLN A 223 16.97 31.85 -3.56
N PHE A 230 10.83 24.92 -6.56
CA PHE A 230 9.73 25.91 -6.39
C PHE A 230 9.29 25.99 -4.92
N ALA A 231 10.19 25.58 -4.02
CA ALA A 231 9.95 25.55 -2.58
C ALA A 231 8.61 24.82 -2.39
N GLU A 232 8.50 23.69 -3.06
CA GLU A 232 7.29 22.91 -3.04
C GLU A 232 6.96 22.35 -1.64
N ASP A 233 7.97 22.24 -0.75
CA ASP A 233 7.77 21.76 0.62
C ASP A 233 6.89 22.77 1.35
N ILE A 234 6.97 24.05 0.98
CA ILE A 234 6.13 25.06 1.64
C ILE A 234 4.68 24.85 1.23
N THR A 235 4.47 24.58 -0.06
CA THR A 235 3.14 24.32 -0.60
C THR A 235 2.54 23.09 0.11
N GLU A 236 3.38 22.12 0.44
CA GLU A 236 2.89 20.92 1.08
C GLU A 236 2.71 21.13 2.56
N GLY A 237 3.34 22.17 3.11
CA GLY A 237 3.20 22.42 4.52
C GLY A 237 4.02 21.47 5.37
N LYS A 238 5.06 20.91 4.76
CA LYS A 238 5.95 19.94 5.40
C LYS A 238 6.69 20.48 6.62
N LEU A 239 6.75 19.71 7.71
CA LEU A 239 7.52 20.12 8.89
C LEU A 239 8.99 19.71 8.58
N SER A 240 9.67 20.46 7.72
CA SER A 240 11.02 20.20 7.31
C SER A 240 12.00 20.62 8.41
N PHE A 241 13.26 20.21 8.27
CA PHE A 241 14.26 20.57 9.30
C PHE A 241 14.33 22.09 9.58
N PRO A 242 14.44 22.94 8.52
CA PRO A 242 14.50 24.39 8.73
C PRO A 242 13.20 24.91 9.43
N ILE A 243 12.05 24.40 8.98
CA ILE A 243 10.78 24.81 9.55
C ILE A 243 10.69 24.43 11.03
N VAL A 244 11.12 23.22 11.38
CA VAL A 244 11.09 22.75 12.77
C VAL A 244 12.01 23.67 13.63
N HIS A 245 13.18 24.01 13.10
CA HIS A 245 14.05 24.89 13.83
C HIS A 245 13.34 26.28 14.01
N ALA A 246 12.72 26.80 12.96
CA ALA A 246 12.08 28.12 13.07
C ALA A 246 10.88 28.11 14.03
N LEU A 247 10.07 27.06 13.98
CA LEU A 247 8.90 27.01 14.86
C LEU A 247 9.35 26.98 16.33
N ASN A 248 10.42 26.22 16.63
CA ASN A 248 10.93 26.12 17.99
C ASN A 248 11.69 27.34 18.40
N PHE A 249 12.49 27.90 17.50
CA PHE A 249 13.21 29.14 17.77
C PHE A 249 12.21 30.27 18.18
N THR A 250 11.14 30.44 17.40
CA THR A 250 10.18 31.49 17.65
C THR A 250 9.37 31.31 18.93
N LYS A 251 9.08 30.06 19.29
CA LYS A 251 8.33 29.79 20.52
C LYS A 251 9.25 30.19 21.66
N THR A 252 10.46 29.67 21.58
CA THR A 252 11.50 29.88 22.56
C THR A 252 11.87 31.36 22.85
N LYS A 253 11.93 32.15 21.80
CA LYS A 253 12.28 33.55 21.95
C LYS A 253 11.07 34.40 22.14
N GLY A 254 9.90 33.79 22.22
CA GLY A 254 8.68 34.56 22.37
C GLY A 254 8.27 35.43 21.16
N GLN A 255 8.67 35.09 19.92
CA GLN A 255 8.27 35.86 18.72
C GLN A 255 6.94 35.32 18.33
N THR A 256 5.93 35.70 19.10
CA THR A 256 4.58 35.20 18.88
C THR A 256 4.02 35.40 17.46
N GLU A 257 4.14 36.61 16.95
CA GLU A 257 3.64 36.91 15.62
C GLU A 257 4.33 36.06 14.55
N GLN A 258 5.65 35.94 14.61
CA GLN A 258 6.38 35.16 13.61
C GLN A 258 6.00 33.67 13.67
N HIS A 259 5.88 33.15 14.87
CA HIS A 259 5.52 31.76 15.04
C HIS A 259 4.17 31.53 14.32
N ASN A 260 3.21 32.40 14.60
CA ASN A 260 1.90 32.29 14.00
C ASN A 260 1.89 32.50 12.49
N GLU A 261 2.75 33.38 11.97
CA GLU A 261 2.76 33.62 10.54
C GLU A 261 3.33 32.39 9.82
N ILE A 262 4.34 31.77 10.39
CA ILE A 262 4.94 30.55 9.81
C ILE A 262 3.85 29.48 9.69
N LEU A 263 3.11 29.27 10.79
CA LEU A 263 2.03 28.30 10.76
C LEU A 263 0.97 28.73 9.75
N ARG A 264 0.57 30.00 9.80
CA ARG A 264 -0.44 30.46 8.83
C ARG A 264 0.00 30.18 7.34
N ILE A 265 1.24 30.48 7.00
CA ILE A 265 1.69 30.26 5.61
C ILE A 265 1.72 28.76 5.26
N LEU A 266 2.20 27.89 6.16
CA LEU A 266 2.19 26.46 5.94
C LEU A 266 0.76 25.97 5.69
N LEU A 267 -0.16 26.38 6.56
CA LEU A 267 -1.57 26.00 6.46
C LEU A 267 -2.25 26.50 5.17
N LEU A 268 -1.72 27.56 4.54
CA LEU A 268 -2.33 28.01 3.27
C LEU A 268 -2.19 27.03 2.09
N ARG A 269 -1.14 26.19 2.10
CA ARG A 269 -0.82 25.23 0.99
C ARG A 269 -0.78 26.10 -0.23
N THR A 270 -0.03 27.17 -0.18
CA THR A 270 -0.04 28.11 -1.27
C THR A 270 1.03 27.86 -2.34
N SER A 271 0.74 28.30 -3.56
CA SER A 271 1.69 28.19 -4.65
C SER A 271 2.11 29.62 -5.04
N ASP A 272 1.69 30.62 -4.25
CA ASP A 272 2.06 31.99 -4.60
C ASP A 272 3.58 32.14 -4.29
N LYS A 273 4.40 32.46 -5.29
CA LYS A 273 5.87 32.52 -5.08
C LYS A 273 6.36 33.57 -4.07
N ASP A 274 5.70 34.72 -4.06
CA ASP A 274 6.04 35.78 -3.14
C ASP A 274 5.72 35.40 -1.72
N ILE A 275 4.61 34.68 -1.50
CA ILE A 275 4.30 34.26 -0.13
C ILE A 275 5.35 33.27 0.35
N LYS A 276 5.72 32.35 -0.54
CA LYS A 276 6.77 31.37 -0.24
C LYS A 276 8.08 32.06 0.05
N LEU A 277 8.37 33.11 -0.72
CA LEU A 277 9.61 33.81 -0.54
C LEU A 277 9.62 34.61 0.76
N LYS A 278 8.46 35.13 1.16
CA LYS A 278 8.33 35.86 2.45
C LYS A 278 8.76 34.86 3.55
N LEU A 279 8.21 33.64 3.52
CA LEU A 279 8.56 32.64 4.54
C LEU A 279 10.06 32.29 4.57
N ILE A 280 10.64 32.03 3.39
CA ILE A 280 12.03 31.71 3.29
C ILE A 280 12.87 32.87 3.87
N GLN A 281 12.54 34.12 3.53
CA GLN A 281 13.31 35.23 4.10
C GLN A 281 13.12 35.39 5.62
N ILE A 282 11.98 34.94 6.16
CA ILE A 282 11.76 34.95 7.61
C ILE A 282 12.78 33.93 8.18
N LEU A 283 12.92 32.76 7.54
CA LEU A 283 13.88 31.81 8.08
C LEU A 283 15.32 32.26 7.85
N GLU A 284 15.51 33.17 6.89
CA GLU A 284 16.84 33.65 6.56
C GLU A 284 17.37 34.71 7.50
N PHE A 285 16.56 35.75 7.74
CA PHE A 285 16.94 36.91 8.56
C PHE A 285 16.37 36.96 9.97
N ASP A 286 15.21 36.35 10.17
CA ASP A 286 14.54 36.41 11.45
C ASP A 286 14.87 35.27 12.37
N THR A 287 14.87 34.04 11.88
CA THR A 287 15.20 32.93 12.76
C THR A 287 16.55 32.33 12.48
N ASN A 288 17.17 32.73 11.38
CA ASN A 288 18.46 32.15 11.00
C ASN A 288 18.45 30.64 10.86
N SER A 289 17.31 30.09 10.44
CA SER A 289 17.15 28.65 10.29
C SER A 289 17.88 28.09 9.07
N LEU A 290 18.07 28.91 8.04
CA LEU A 290 18.77 28.39 6.88
C LEU A 290 20.24 28.19 7.26
N ALA A 291 20.84 29.19 7.91
CA ALA A 291 22.25 29.09 8.32
C ALA A 291 22.40 27.98 9.38
N TYR A 292 21.43 27.89 10.29
CA TYR A 292 21.47 26.85 11.29
C TYR A 292 21.50 25.49 10.61
N THR A 293 20.62 25.31 9.63
CA THR A 293 20.56 24.05 8.92
C THR A 293 21.82 23.72 8.11
N LYS A 294 22.32 24.71 7.39
CA LYS A 294 23.49 24.49 6.54
C LYS A 294 24.66 24.02 7.40
N ASN A 295 24.80 24.66 8.56
CA ASN A 295 25.85 24.33 9.51
C ASN A 295 25.57 22.97 10.12
N PHE A 296 24.33 22.63 10.36
CA PHE A 296 24.01 21.33 10.95
C PHE A 296 24.45 20.24 9.96
N ILE A 297 24.20 20.47 8.69
CA ILE A 297 24.59 19.53 7.66
C ILE A 297 26.12 19.42 7.62
N ASN A 298 26.83 20.55 7.57
CA ASN A 298 28.28 20.52 7.52
C ASN A 298 28.83 19.69 8.71
N GLN A 299 28.24 19.87 9.89
CA GLN A 299 28.68 19.13 11.06
C GLN A 299 28.50 17.59 10.91
N LEU A 300 27.37 17.16 10.33
CA LEU A 300 27.14 15.74 10.14
C LEU A 300 28.14 15.22 9.10
N VAL A 301 28.34 15.99 8.05
CA VAL A 301 29.26 15.60 7.00
C VAL A 301 30.70 15.52 7.56
N ASN A 302 31.09 16.46 8.42
CA ASN A 302 32.40 16.43 9.02
C ASN A 302 32.53 15.17 9.89
N MET A 303 31.44 14.70 10.49
CA MET A 303 31.51 13.49 11.30
C MET A 303 32.05 12.28 10.50
N ILE A 304 31.98 12.35 9.17
CA ILE A 304 32.50 11.27 8.33
C ILE A 304 33.90 11.64 7.81
N LYS A 305 34.07 12.89 7.42
CA LYS A 305 35.35 13.40 6.93
C LYS A 305 36.44 13.42 8.02
N ASN A 306 36.04 13.16 9.26
CA ASN A 306 36.98 13.12 10.37
C ASN A 306 36.90 11.74 11.07
N GLU A 309 40.03 6.36 14.90
CA GLU A 309 38.87 6.76 14.05
C GLU A 309 38.32 5.55 13.29
N ASN A 310 37.82 5.79 12.07
CA ASN A 310 37.23 4.74 11.26
C ASN A 310 36.14 4.10 12.09
N LYS A 311 35.57 4.88 13.01
CA LYS A 311 34.52 4.37 13.88
C LYS A 311 33.22 4.16 13.10
N TYR A 312 32.95 5.07 12.16
CA TYR A 312 31.74 4.99 11.33
C TYR A 312 32.09 4.33 10.00
N LEU A 313 33.09 4.88 9.33
CA LEU A 313 33.53 4.34 8.06
C LEU A 313 34.13 2.95 8.25
N PRO A 314 34.25 2.17 7.17
CA PRO A 314 34.82 0.81 7.27
C PRO A 314 36.25 0.74 7.82
N ASP A 328 37.52 7.84 -0.49
CA ASP A 328 37.69 8.42 -1.87
C ASP A 328 36.35 8.47 -2.61
N GLU A 329 35.76 7.29 -2.81
CA GLU A 329 34.48 7.14 -3.48
C GLU A 329 33.41 7.68 -2.56
N LEU A 330 33.69 7.58 -1.27
CA LEU A 330 32.78 8.04 -0.22
C LEU A 330 32.48 9.50 -0.38
N LEU A 331 33.52 10.31 -0.49
CA LEU A 331 33.32 11.72 -0.64
C LEU A 331 32.49 12.03 -1.88
N TYR A 332 32.70 11.28 -2.95
CA TYR A 332 31.94 11.48 -4.19
C TYR A 332 30.46 11.24 -3.90
N ILE A 333 30.17 10.10 -3.28
CA ILE A 333 28.81 9.74 -2.91
C ILE A 333 28.15 10.85 -2.08
N ILE A 334 28.86 11.38 -1.08
CA ILE A 334 28.31 12.44 -0.24
C ILE A 334 27.96 13.71 -1.02
N ASP A 335 28.75 14.08 -2.04
CA ASP A 335 28.42 15.27 -2.81
C ASP A 335 27.33 14.96 -3.82
N HIS A 336 27.05 13.70 -4.07
CA HIS A 336 25.97 13.38 -4.99
C HIS A 336 24.87 12.69 -4.21
N LEU A 337 24.81 12.94 -2.91
CA LEU A 337 23.79 12.29 -2.08
C LEU A 337 22.40 12.66 -2.57
N SER A 338 22.23 13.93 -2.92
CA SER A 338 20.96 14.45 -3.40
C SER A 338 20.39 13.70 -4.60
N GLU A 339 21.25 13.08 -5.42
CA GLU A 339 20.78 12.34 -6.60
C GLU A 339 20.29 10.91 -6.39
N LEU A 340 20.31 10.43 -5.15
CA LEU A 340 19.84 9.08 -4.83
C LEU A 340 18.31 8.96 -4.99
N ASN B 4 30.70 19.27 19.60
CA ASN B 4 30.82 18.15 20.58
C ASN B 4 29.47 17.61 21.07
N LYS B 5 28.70 18.44 21.76
CA LYS B 5 27.41 18.00 22.28
C LYS B 5 26.46 17.57 21.16
N MET B 6 26.54 18.27 20.03
CA MET B 6 25.71 17.95 18.89
C MET B 6 26.11 16.57 18.38
N GLU B 7 27.41 16.37 18.22
CA GLU B 7 27.92 15.11 17.72
C GLU B 7 27.69 13.94 18.66
N ALA B 8 27.76 14.17 19.96
CA ALA B 8 27.54 13.09 20.88
C ALA B 8 26.08 12.65 20.73
N LYS B 9 25.17 13.62 20.62
CA LYS B 9 23.75 13.30 20.44
C LYS B 9 23.50 12.52 19.11
N ILE B 10 24.16 12.95 18.05
CA ILE B 10 24.00 12.25 16.77
C ILE B 10 24.58 10.84 16.87
N ASP B 11 25.71 10.66 17.57
CA ASP B 11 26.31 9.33 17.72
C ASP B 11 25.32 8.41 18.42
N GLU B 12 24.74 8.89 19.50
CA GLU B 12 23.75 8.09 20.19
C GLU B 12 22.57 7.69 19.27
N LEU B 13 22.08 8.64 18.48
CA LEU B 13 20.96 8.39 17.58
C LEU B 13 21.23 7.28 16.54
N ILE B 14 22.33 7.40 15.81
CA ILE B 14 22.68 6.45 14.77
C ILE B 14 23.17 5.03 15.23
N ASN B 15 23.59 4.94 16.49
CA ASN B 15 24.00 3.65 17.01
C ASN B 15 22.85 2.90 17.64
N ASN B 16 21.68 3.52 17.71
CA ASN B 16 20.54 2.85 18.31
C ASN B 16 19.47 2.58 17.26
N ASP B 17 18.56 1.67 17.57
CA ASP B 17 17.45 1.38 16.67
C ASP B 17 16.62 2.68 16.61
N PRO B 18 15.77 2.82 15.59
CA PRO B 18 14.94 4.02 15.48
C PRO B 18 13.98 4.12 16.63
N VAL B 19 13.82 5.33 17.14
CA VAL B 19 12.93 5.54 18.28
C VAL B 19 11.47 5.56 17.85
N TRP B 20 10.66 4.73 18.50
CA TRP B 20 9.24 4.66 18.22
C TRP B 20 8.54 4.46 19.56
N SER B 21 7.56 5.33 19.88
CA SER B 21 6.81 5.24 21.14
C SER B 21 5.40 4.64 20.97
N SER B 22 4.74 4.27 22.07
CA SER B 22 3.38 3.73 21.95
C SER B 22 2.45 4.87 21.54
N GLN B 23 2.78 6.09 21.94
CA GLN B 23 1.98 7.23 21.56
C GLN B 23 2.13 7.42 20.03
N ASN B 24 3.32 7.23 19.47
CA ASN B 24 3.48 7.33 17.99
C ASN B 24 2.60 6.23 17.34
N GLU B 25 2.63 5.03 17.92
CA GLU B 25 1.85 3.88 17.42
C GLU B 25 0.38 4.23 17.40
N SER B 26 -0.07 4.91 18.47
CA SER B 26 -1.47 5.33 18.51
C SER B 26 -1.80 6.33 17.43
N LEU B 27 -0.96 7.33 17.20
CA LEU B 27 -1.23 8.29 16.13
C LEU B 27 -1.44 7.59 14.79
N ILE B 28 -0.51 6.73 14.43
CA ILE B 28 -0.56 6.04 13.16
C ILE B 28 -1.69 5.07 13.02
N SER B 29 -2.22 4.61 14.16
CA SER B 29 -3.31 3.66 14.13
C SER B 29 -4.68 4.25 14.01
N LYS B 30 -4.82 5.57 14.11
CA LYS B 30 -6.17 6.11 14.07
C LYS B 30 -7.05 5.78 12.87
N PRO B 31 -6.51 5.82 11.62
CA PRO B 31 -7.41 5.49 10.50
C PRO B 31 -7.87 4.06 10.60
N TYR B 32 -7.02 3.21 11.13
CA TYR B 32 -7.38 1.79 11.24
C TYR B 32 -8.40 1.53 12.40
N ASN B 33 -8.20 2.13 13.56
CA ASN B 33 -9.14 1.86 14.64
C ASN B 33 -10.51 2.36 14.23
N HIS B 34 -10.56 3.41 13.42
CA HIS B 34 -11.86 3.92 12.96
C HIS B 34 -12.65 2.82 12.20
N ILE B 35 -12.01 2.06 11.31
CA ILE B 35 -12.78 1.05 10.59
C ILE B 35 -13.08 -0.16 11.47
N LEU B 36 -12.38 -0.30 12.58
CA LEU B 36 -12.65 -1.42 13.49
C LEU B 36 -14.06 -1.28 14.08
N LEU B 37 -14.54 -0.05 14.20
CA LEU B 37 -15.88 0.18 14.74
C LEU B 37 -17.02 -0.39 13.86
N LYS B 38 -16.76 -0.58 12.57
CA LYS B 38 -17.78 -1.14 11.66
C LYS B 38 -17.91 -2.65 11.88
N PRO B 39 -19.13 -3.20 11.69
CA PRO B 39 -19.43 -4.63 11.86
C PRO B 39 -18.80 -5.53 10.78
N GLY B 40 -18.73 -6.84 11.06
CA GLY B 40 -18.19 -7.80 10.11
C GLY B 40 -17.26 -8.85 10.70
N LYS B 41 -16.57 -8.48 11.78
CA LYS B 41 -15.63 -9.37 12.44
C LYS B 41 -16.22 -10.73 12.84
N ASN B 42 -17.32 -10.70 13.57
CA ASN B 42 -17.95 -11.95 14.00
C ASN B 42 -18.26 -12.92 12.87
N PHE B 43 -18.72 -12.43 11.73
CA PHE B 43 -19.01 -13.34 10.62
C PHE B 43 -17.77 -13.97 10.00
N ARG B 44 -16.66 -13.25 10.04
CA ARG B 44 -15.45 -13.79 9.47
C ARG B 44 -14.90 -14.84 10.41
N LEU B 45 -14.91 -14.52 11.69
CA LEU B 45 -14.40 -15.46 12.67
C LEU B 45 -15.23 -16.74 12.60
N ASN B 46 -16.54 -16.61 12.43
CA ASN B 46 -17.39 -17.82 12.35
C ASN B 46 -16.99 -18.69 11.17
N LEU B 47 -16.77 -18.10 10.00
CA LEU B 47 -16.36 -18.92 8.87
C LEU B 47 -15.04 -19.60 9.20
N ILE B 48 -14.12 -18.89 9.85
CA ILE B 48 -12.82 -19.49 10.19
C ILE B 48 -12.98 -20.63 11.22
N VAL B 49 -13.81 -20.40 12.22
CA VAL B 49 -14.04 -21.46 13.21
C VAL B 49 -14.66 -22.67 12.56
N GLN B 50 -15.63 -22.45 11.68
CA GLN B 50 -16.26 -23.57 11.01
C GLN B 50 -15.23 -24.31 10.17
N ILE B 51 -14.44 -23.59 9.39
CA ILE B 51 -13.45 -24.29 8.57
C ILE B 51 -12.46 -25.04 9.48
N ASN B 52 -12.26 -24.55 10.69
CA ASN B 52 -11.30 -25.25 11.54
C ASN B 52 -11.75 -26.61 12.08
N ARG B 53 -13.02 -26.97 11.89
CA ARG B 53 -13.51 -28.24 12.37
C ARG B 53 -12.89 -29.34 11.51
N VAL B 54 -12.34 -28.92 10.38
CA VAL B 54 -11.69 -29.81 9.44
C VAL B 54 -10.16 -29.72 9.56
N MET B 55 -9.67 -28.53 9.87
CA MET B 55 -8.22 -28.31 9.98
C MET B 55 -7.69 -28.56 11.39
N ASN B 56 -8.46 -28.16 12.41
CA ASN B 56 -8.09 -28.36 13.81
C ASN B 56 -6.76 -27.74 14.24
N LEU B 57 -6.57 -26.45 13.97
CA LEU B 57 -5.36 -25.80 14.38
C LEU B 57 -5.58 -25.54 15.88
N PRO B 58 -4.51 -25.59 16.69
CA PRO B 58 -4.69 -25.32 18.11
C PRO B 58 -5.24 -23.91 18.15
N LYS B 59 -5.94 -23.56 19.23
CA LYS B 59 -6.58 -22.25 19.29
C LYS B 59 -5.71 -21.03 19.25
N ASP B 60 -4.51 -21.12 19.79
CA ASP B 60 -3.64 -19.97 19.76
C ASP B 60 -3.19 -19.72 18.32
N GLN B 61 -2.85 -20.77 17.59
CA GLN B 61 -2.43 -20.59 16.21
C GLN B 61 -3.59 -20.00 15.38
N LEU B 62 -4.79 -20.54 15.61
CA LEU B 62 -5.99 -20.07 14.92
C LEU B 62 -6.27 -18.59 15.16
N ALA B 63 -6.01 -18.13 16.39
CA ALA B 63 -6.25 -16.74 16.71
C ALA B 63 -5.34 -15.83 15.89
N ILE B 64 -4.09 -16.27 15.69
CA ILE B 64 -3.14 -15.51 14.90
C ILE B 64 -3.62 -15.46 13.43
N VAL B 65 -4.05 -16.60 12.87
CA VAL B 65 -4.56 -16.60 11.50
C VAL B 65 -5.69 -15.55 11.46
N SER B 66 -6.54 -15.55 12.48
CA SER B 66 -7.66 -14.62 12.52
C SER B 66 -7.24 -13.14 12.53
N GLN B 67 -6.22 -12.84 13.31
CA GLN B 67 -5.67 -11.50 13.38
C GLN B 67 -5.07 -11.08 12.03
N ILE B 68 -4.46 -12.06 11.33
CA ILE B 68 -3.87 -11.77 10.03
C ILE B 68 -4.98 -11.37 9.06
N VAL B 69 -6.04 -12.18 9.06
CA VAL B 69 -7.16 -11.94 8.22
C VAL B 69 -7.78 -10.58 8.55
N GLU B 70 -7.91 -10.25 9.82
CA GLU B 70 -8.51 -8.98 10.15
C GLU B 70 -7.64 -7.79 9.67
N LEU B 71 -6.33 -7.88 9.83
CA LEU B 71 -5.48 -6.78 9.36
C LEU B 71 -5.56 -6.62 7.83
N LEU B 72 -5.40 -7.70 7.08
CA LEU B 72 -5.42 -7.61 5.62
C LEU B 72 -6.80 -7.14 5.13
N HIS B 73 -7.84 -7.69 5.74
CA HIS B 73 -9.15 -7.32 5.31
C HIS B 73 -9.50 -5.86 5.56
N ASN B 74 -9.36 -5.39 6.78
CA ASN B 74 -9.68 -4.00 7.04
C ASN B 74 -8.79 -3.05 6.22
N SER B 75 -7.51 -3.36 6.14
CA SER B 75 -6.60 -2.51 5.40
C SER B 75 -7.00 -2.47 3.92
N SER B 76 -7.38 -3.60 3.33
CA SER B 76 -7.72 -3.56 1.91
C SER B 76 -8.99 -2.72 1.75
N LEU B 77 -9.89 -2.77 2.73
CA LEU B 77 -11.07 -1.94 2.62
C LEU B 77 -10.74 -0.45 2.71
N LEU B 78 -9.83 -0.08 3.60
CA LEU B 78 -9.44 1.34 3.72
C LEU B 78 -8.90 1.79 2.36
N ILE B 79 -8.07 0.96 1.74
CA ILE B 79 -7.49 1.34 0.46
C ILE B 79 -8.56 1.31 -0.63
N ASP B 80 -9.37 0.28 -0.61
CA ASP B 80 -10.40 0.18 -1.63
C ASP B 80 -11.34 1.42 -1.65
N ASP B 81 -11.66 1.94 -0.46
CA ASP B 81 -12.56 3.12 -0.38
C ASP B 81 -11.90 4.37 -0.91
N ILE B 82 -10.58 4.41 -0.80
CA ILE B 82 -9.82 5.53 -1.36
C ILE B 82 -9.84 5.40 -2.91
N GLU B 83 -9.56 4.19 -3.40
CA GLU B 83 -9.51 3.96 -4.83
C GLU B 83 -10.86 4.10 -5.52
N ASP B 84 -11.95 3.91 -4.78
CA ASP B 84 -13.26 4.04 -5.38
C ASP B 84 -13.89 5.38 -5.00
N ASN B 85 -13.16 6.18 -4.25
CA ASN B 85 -13.71 7.46 -3.78
C ASN B 85 -15.07 7.25 -3.05
N ALA B 86 -15.16 6.24 -2.20
CA ALA B 86 -16.41 5.95 -1.49
C ALA B 86 -16.56 6.79 -0.23
N PRO B 87 -17.74 7.38 -0.05
CA PRO B 87 -18.11 8.22 1.10
C PRO B 87 -18.59 7.37 2.30
N LEU B 88 -19.11 6.18 2.04
CA LEU B 88 -19.62 5.34 3.13
C LEU B 88 -19.24 3.89 3.06
N ARG B 89 -19.08 3.30 4.23
CA ARG B 89 -18.75 1.88 4.29
C ARG B 89 -19.56 1.37 5.51
N ARG B 90 -20.51 0.47 5.23
CA ARG B 90 -21.35 -0.09 6.27
C ARG B 90 -22.12 1.05 6.97
N GLY B 91 -22.67 1.96 6.17
CA GLY B 91 -23.41 3.06 6.72
C GLY B 91 -22.58 4.13 7.40
N GLN B 92 -21.32 3.87 7.69
CA GLN B 92 -20.49 4.87 8.36
C GLN B 92 -19.52 5.65 7.44
N THR B 93 -19.13 6.86 7.82
CA THR B 93 -18.18 7.65 7.02
C THR B 93 -16.87 6.89 6.82
N THR B 94 -16.28 6.99 5.63
CA THR B 94 -15.04 6.27 5.39
C THR B 94 -13.89 6.98 6.08
N SER B 95 -12.89 6.21 6.47
CA SER B 95 -11.76 6.77 7.16
C SER B 95 -11.03 7.88 6.45
N HIS B 96 -10.81 7.72 5.15
CA HIS B 96 -10.04 8.76 4.46
C HIS B 96 -10.76 10.10 4.48
N LEU B 97 -12.07 10.11 4.62
CA LEU B 97 -12.77 11.39 4.68
C LEU B 97 -12.55 12.01 6.04
N ILE B 98 -12.17 11.22 7.03
CA ILE B 98 -11.91 11.80 8.36
C ILE B 98 -10.42 12.09 8.64
N PHE B 99 -9.56 11.10 8.37
CA PHE B 99 -8.15 11.29 8.65
C PHE B 99 -7.35 11.80 7.45
N GLY B 100 -8.02 11.89 6.29
CA GLY B 100 -7.35 12.34 5.06
C GLY B 100 -6.84 11.11 4.27
N VAL B 101 -6.74 11.24 2.95
CA VAL B 101 -6.20 10.17 2.10
C VAL B 101 -4.73 9.83 2.45
N PRO B 102 -3.87 10.85 2.67
CA PRO B 102 -2.47 10.56 2.99
C PRO B 102 -2.28 9.63 4.18
N SER B 103 -2.84 10.03 5.33
CA SER B 103 -2.71 9.17 6.50
C SER B 103 -3.33 7.80 6.29
N THR B 104 -4.50 7.76 5.67
CA THR B 104 -5.19 6.49 5.51
C THR B 104 -4.41 5.53 4.60
N ILE B 105 -3.84 6.02 3.50
CA ILE B 105 -3.05 5.13 2.66
C ILE B 105 -1.89 4.58 3.49
N ASN B 106 -1.18 5.47 4.18
CA ASN B 106 -0.03 5.00 4.88
C ASN B 106 -0.36 4.01 6.00
N THR B 107 -1.40 4.27 6.76
CA THR B 107 -1.78 3.37 7.82
C THR B 107 -2.18 2.01 7.26
N ALA B 108 -2.99 1.99 6.19
CA ALA B 108 -3.43 0.71 5.61
C ALA B 108 -2.23 -0.09 5.16
N ASN B 109 -1.26 0.55 4.48
CA ASN B 109 -0.04 -0.15 3.99
C ASN B 109 0.80 -0.64 5.21
N TYR B 110 0.89 0.19 6.25
CA TYR B 110 1.57 -0.20 7.48
C TYR B 110 0.97 -1.53 8.03
N MET B 111 -0.36 -1.64 8.03
CA MET B 111 -1.00 -2.84 8.55
C MET B 111 -0.72 -4.08 7.67
N TYR B 112 -0.46 -3.87 6.39
CA TYR B 112 -0.12 -5.01 5.53
C TYR B 112 1.14 -5.65 6.13
N PHE B 113 2.13 -4.81 6.45
CA PHE B 113 3.37 -5.27 7.01
C PHE B 113 3.24 -5.76 8.46
N ARG B 114 2.25 -5.28 9.19
CA ARG B 114 2.07 -5.78 10.56
C ARG B 114 1.52 -7.17 10.43
N ALA B 115 0.67 -7.38 9.44
CA ALA B 115 0.10 -8.71 9.23
C ALA B 115 1.24 -9.67 8.81
N MET B 116 2.10 -9.20 7.91
CA MET B 116 3.24 -10.00 7.46
C MET B 116 4.05 -10.49 8.67
N GLN B 117 4.21 -9.61 9.64
CA GLN B 117 4.95 -9.92 10.85
C GLN B 117 4.26 -11.04 11.66
N LEU B 118 2.93 -11.04 11.74
CA LEU B 118 2.23 -12.09 12.46
C LEU B 118 2.48 -13.48 11.86
N VAL B 119 2.67 -13.56 10.54
CA VAL B 119 2.94 -14.85 9.89
C VAL B 119 4.12 -15.57 10.56
N SER B 120 5.23 -14.87 10.82
CA SER B 120 6.38 -15.54 11.46
C SER B 120 6.06 -16.05 12.85
N GLN B 121 4.90 -15.68 13.40
CA GLN B 121 4.56 -16.19 14.71
C GLN B 121 3.60 -17.39 14.63
N LEU B 122 3.40 -17.91 13.43
CA LEU B 122 2.56 -19.08 13.27
C LEU B 122 3.39 -20.35 13.49
N THR B 123 4.71 -20.29 13.30
CA THR B 123 5.56 -21.47 13.45
C THR B 123 7.04 -21.08 13.57
N THR B 124 7.87 -21.99 14.11
CA THR B 124 9.29 -21.71 14.18
C THR B 124 10.00 -22.68 13.24
N LYS B 125 9.24 -23.61 12.67
CA LYS B 125 9.84 -24.59 11.73
C LYS B 125 10.19 -23.80 10.46
N GLU B 126 11.47 -23.75 10.12
CA GLU B 126 11.94 -22.96 8.96
C GLU B 126 11.35 -23.35 7.61
N PRO B 127 11.11 -24.66 7.40
CA PRO B 127 10.53 -25.08 6.11
C PRO B 127 9.08 -24.58 5.97
N LEU B 128 8.25 -24.89 6.96
CA LEU B 128 6.86 -24.49 6.97
C LEU B 128 6.78 -22.96 6.94
N TYR B 129 7.66 -22.29 7.66
CA TYR B 129 7.65 -20.83 7.66
C TYR B 129 7.75 -20.30 6.24
N HIS B 130 8.73 -20.81 5.50
CA HIS B 130 8.91 -20.35 4.13
C HIS B 130 7.60 -20.53 3.36
N ASN B 131 6.96 -21.68 3.54
CA ASN B 131 5.72 -21.91 2.82
C ASN B 131 4.64 -20.90 3.16
N LEU B 132 4.50 -20.56 4.46
CA LEU B 132 3.50 -19.60 4.93
C LEU B 132 3.74 -18.23 4.28
N ILE B 133 4.98 -17.79 4.24
CA ILE B 133 5.34 -16.53 3.64
C ILE B 133 5.09 -16.58 2.13
N THR B 134 5.35 -17.72 1.49
CA THR B 134 5.11 -17.83 0.07
C THR B 134 3.63 -17.69 -0.19
N ILE B 135 2.79 -18.30 0.65
CA ILE B 135 1.34 -18.23 0.50
C ILE B 135 0.86 -16.77 0.67
N PHE B 136 1.36 -16.11 1.70
CA PHE B 136 0.99 -14.72 1.99
C PHE B 136 1.37 -13.82 0.79
N ASN B 137 2.59 -13.98 0.30
CA ASN B 137 3.13 -13.19 -0.81
C ASN B 137 2.30 -13.42 -2.09
N GLU B 138 2.13 -14.68 -2.49
CA GLU B 138 1.36 -15.05 -3.67
C GLU B 138 -0.06 -14.49 -3.67
N GLU B 139 -0.79 -14.62 -2.55
CA GLU B 139 -2.15 -14.12 -2.60
C GLU B 139 -2.21 -12.60 -2.54
N LEU B 140 -1.24 -11.95 -1.89
CA LEU B 140 -1.27 -10.51 -1.86
C LEU B 140 -1.00 -10.06 -3.29
N ILE B 141 -0.15 -10.78 -4.01
CA ILE B 141 0.12 -10.39 -5.40
C ILE B 141 -1.17 -10.55 -6.23
N ASN B 142 -1.90 -11.65 -6.01
CA ASN B 142 -3.13 -11.93 -6.75
C ASN B 142 -4.17 -10.86 -6.46
N LEU B 143 -4.24 -10.51 -5.18
CA LEU B 143 -5.16 -9.52 -4.79
C LEU B 143 -4.90 -8.20 -5.53
N HIS B 144 -3.64 -7.79 -5.60
CA HIS B 144 -3.33 -6.54 -6.29
C HIS B 144 -3.55 -6.56 -7.82
N ARG B 145 -3.28 -7.70 -8.44
CA ARG B 145 -3.51 -7.87 -9.85
C ARG B 145 -5.00 -7.70 -10.14
N GLY B 146 -5.82 -8.39 -9.37
CA GLY B 146 -7.25 -8.31 -9.59
C GLY B 146 -7.79 -6.91 -9.34
N GLN B 147 -7.32 -6.25 -8.30
CA GLN B 147 -7.80 -4.89 -8.00
C GLN B 147 -7.33 -3.97 -9.11
N GLY B 148 -6.12 -4.20 -9.60
CA GLY B 148 -5.55 -3.38 -10.65
C GLY B 148 -6.35 -3.42 -11.92
N LEU B 149 -6.74 -4.62 -12.32
CA LEU B 149 -7.55 -4.85 -13.54
C LEU B 149 -8.94 -4.24 -13.38
N ASP B 150 -9.56 -4.44 -12.20
CA ASP B 150 -10.88 -3.86 -11.93
C ASP B 150 -10.80 -2.35 -12.10
N ILE B 151 -9.79 -1.74 -11.50
CA ILE B 151 -9.59 -0.29 -11.58
C ILE B 151 -9.24 0.14 -13.00
N TYR B 152 -8.42 -0.65 -13.69
CA TYR B 152 -8.06 -0.24 -15.06
C TYR B 152 -9.33 -0.14 -15.94
N TRP B 153 -10.12 -1.21 -16.00
CA TRP B 153 -11.35 -1.20 -16.81
C TRP B 153 -12.23 0.01 -16.47
N ARG B 154 -12.45 0.26 -15.16
CA ARG B 154 -13.30 1.36 -14.74
C ARG B 154 -12.71 2.71 -15.20
N ASP B 155 -11.43 2.94 -14.94
CA ASP B 155 -10.80 4.20 -15.29
C ASP B 155 -10.44 4.42 -16.77
N PHE B 156 -10.36 3.36 -17.57
CA PHE B 156 -10.05 3.48 -18.99
C PHE B 156 -11.31 3.28 -19.82
N LEU B 157 -12.44 3.02 -19.18
CA LEU B 157 -13.72 2.84 -19.92
C LEU B 157 -13.91 4.10 -20.78
N PRO B 158 -14.35 3.95 -22.05
CA PRO B 158 -14.69 2.71 -22.76
C PRO B 158 -13.61 2.05 -23.61
N GLU B 159 -12.36 2.05 -23.16
CA GLU B 159 -11.32 1.41 -23.96
C GLU B 159 -11.55 -0.12 -24.02
N ILE B 160 -11.83 -0.73 -22.87
CA ILE B 160 -12.03 -2.15 -22.83
C ILE B 160 -13.33 -2.51 -22.15
N ILE B 161 -14.13 -3.33 -22.79
CA ILE B 161 -15.35 -3.73 -22.14
C ILE B 161 -15.11 -5.20 -21.88
N PRO B 162 -15.03 -5.59 -20.62
CA PRO B 162 -14.79 -7.01 -20.36
C PRO B 162 -15.99 -7.89 -20.62
N THR B 163 -15.69 -9.15 -20.88
CA THR B 163 -16.70 -10.15 -21.07
C THR B 163 -16.91 -10.79 -19.68
N GLN B 164 -17.81 -11.75 -19.65
CA GLN B 164 -18.09 -12.46 -18.44
C GLN B 164 -16.87 -13.30 -18.04
N GLU B 165 -16.24 -13.96 -19.02
CA GLU B 165 -15.06 -14.75 -18.72
C GLU B 165 -13.97 -13.84 -18.10
N MET B 166 -13.67 -12.70 -18.73
CA MET B 166 -12.64 -11.81 -18.14
C MET B 166 -13.02 -11.36 -16.70
N TYR B 167 -14.26 -10.96 -16.51
CA TYR B 167 -14.75 -10.56 -15.20
C TYR B 167 -14.49 -11.67 -14.20
N LEU B 168 -14.79 -12.93 -14.57
CA LEU B 168 -14.59 -14.02 -13.63
C LEU B 168 -13.12 -14.21 -13.22
N ASN B 169 -12.21 -14.09 -14.18
CA ASN B 169 -10.79 -14.23 -13.87
C ASN B 169 -10.32 -13.08 -12.98
N MET B 170 -10.88 -11.89 -13.21
CA MET B 170 -10.56 -10.71 -12.38
C MET B 170 -11.00 -11.01 -10.94
N VAL B 171 -12.23 -11.48 -10.76
CA VAL B 171 -12.70 -11.78 -9.40
C VAL B 171 -11.87 -12.87 -8.71
N MET B 172 -11.42 -13.88 -9.48
CA MET B 172 -10.61 -14.95 -8.90
C MET B 172 -9.37 -14.31 -8.22
N ASN B 173 -8.81 -13.27 -8.83
CA ASN B 173 -7.65 -12.60 -8.23
C ASN B 173 -8.12 -11.65 -7.09
N LYS B 174 -8.93 -10.68 -7.46
CA LYS B 174 -9.44 -9.66 -6.56
C LYS B 174 -10.14 -10.17 -5.31
N THR B 175 -11.10 -11.09 -5.44
CA THR B 175 -11.85 -11.54 -4.27
C THR B 175 -11.40 -12.89 -3.73
N GLY B 176 -10.93 -13.78 -4.59
CA GLY B 176 -10.46 -15.05 -4.09
C GLY B 176 -9.18 -14.94 -3.28
N GLY B 177 -8.39 -13.90 -3.52
CA GLY B 177 -7.15 -13.70 -2.77
C GLY B 177 -7.19 -13.92 -1.26
N LEU B 178 -8.03 -13.16 -0.54
CA LEU B 178 -8.14 -13.32 0.92
C LEU B 178 -8.76 -14.63 1.34
N PHE B 179 -9.72 -15.12 0.56
CA PHE B 179 -10.35 -16.40 0.87
C PHE B 179 -9.26 -17.51 0.77
N ARG B 180 -8.57 -17.55 -0.37
CA ARG B 180 -7.50 -18.51 -0.59
C ARG B 180 -6.34 -18.31 0.39
N LEU B 181 -5.98 -17.06 0.69
CA LEU B 181 -4.84 -16.87 1.61
C LEU B 181 -5.18 -17.50 2.96
N THR B 182 -6.37 -17.21 3.49
CA THR B 182 -6.79 -17.75 4.78
C THR B 182 -6.85 -19.27 4.81
N LEU B 183 -7.41 -19.84 3.76
CA LEU B 183 -7.55 -21.27 3.71
C LEU B 183 -6.24 -21.99 3.49
N ARG B 184 -5.36 -21.46 2.64
CA ARG B 184 -4.11 -22.11 2.36
C ARG B 184 -3.20 -22.05 3.60
N LEU B 185 -3.25 -20.97 4.38
CA LEU B 185 -2.46 -20.95 5.60
C LEU B 185 -2.99 -22.04 6.52
N MET B 186 -4.30 -22.13 6.67
CA MET B 186 -4.88 -23.15 7.57
C MET B 186 -4.57 -24.58 7.09
N GLU B 187 -4.64 -24.81 5.79
CA GLU B 187 -4.36 -26.14 5.31
C GLU B 187 -2.90 -26.46 5.52
N ALA B 188 -2.02 -25.46 5.46
CA ALA B 188 -0.59 -25.73 5.65
C ALA B 188 -0.22 -25.98 7.13
N LEU B 189 -1.02 -25.45 8.05
CA LEU B 189 -0.76 -25.61 9.48
C LEU B 189 -1.50 -26.76 10.12
N SER B 190 -2.47 -27.33 9.40
CA SER B 190 -3.28 -28.43 9.89
C SER B 190 -2.50 -29.60 10.47
N PRO B 191 -2.67 -29.89 11.76
CA PRO B 191 -1.88 -31.03 12.22
C PRO B 191 -2.59 -32.30 11.76
N SER B 192 -3.60 -32.14 10.89
CA SER B 192 -4.40 -33.27 10.39
C SER B 192 -4.00 -33.85 9.01
N SER B 193 -4.45 -35.08 8.76
CA SER B 193 -4.14 -35.80 7.53
C SER B 193 -4.52 -35.09 6.21
N HIS B 197 -9.26 -34.02 0.52
CA HIS B 197 -9.03 -33.10 -0.62
C HIS B 197 -9.00 -31.62 -0.14
N SER B 198 -8.19 -30.81 -0.79
CA SER B 198 -8.11 -29.39 -0.44
C SER B 198 -9.47 -28.70 -0.53
N LEU B 199 -9.67 -27.66 0.26
CA LEU B 199 -10.92 -26.91 0.18
C LEU B 199 -10.74 -25.63 -0.65
N VAL B 200 -9.62 -25.48 -1.33
CA VAL B 200 -9.39 -24.28 -2.15
C VAL B 200 -10.48 -24.09 -3.26
N PRO B 201 -10.85 -25.16 -4.00
CA PRO B 201 -11.88 -25.00 -5.05
C PRO B 201 -13.16 -24.44 -4.40
N PHE B 202 -13.47 -24.97 -3.22
CA PHE B 202 -14.63 -24.50 -2.48
C PHE B 202 -14.54 -23.02 -2.07
N ILE B 203 -13.38 -22.62 -1.55
CA ILE B 203 -13.19 -21.27 -1.08
C ILE B 203 -13.24 -20.27 -2.24
N ASN B 204 -12.75 -20.70 -3.41
CA ASN B 204 -12.79 -19.90 -4.66
C ASN B 204 -14.24 -19.63 -5.08
N LEU B 205 -15.08 -20.66 -5.01
CA LEU B 205 -16.48 -20.51 -5.37
C LEU B 205 -17.13 -19.55 -4.36
N LEU B 206 -16.76 -19.63 -3.09
CA LEU B 206 -17.30 -18.73 -2.09
C LEU B 206 -16.96 -17.26 -2.49
N GLY B 207 -15.71 -17.08 -2.90
CA GLY B 207 -15.25 -15.76 -3.29
C GLY B 207 -16.06 -15.22 -4.45
N ILE B 208 -16.32 -16.07 -5.46
CA ILE B 208 -17.09 -15.64 -6.62
C ILE B 208 -18.51 -15.32 -6.23
N ILE B 209 -19.14 -16.24 -5.51
CA ILE B 209 -20.49 -15.96 -5.05
C ILE B 209 -20.49 -14.63 -4.30
N TYR B 210 -19.50 -14.46 -3.42
CA TYR B 210 -19.44 -13.21 -2.66
C TYR B 210 -19.39 -11.97 -3.54
N GLN B 211 -18.51 -11.98 -4.55
CA GLN B 211 -18.38 -10.76 -5.37
C GLN B 211 -19.61 -10.48 -6.26
N ILE B 212 -20.16 -11.52 -6.88
CA ILE B 212 -21.36 -11.30 -7.70
C ILE B 212 -22.55 -10.84 -6.86
N ARG B 213 -22.75 -11.41 -5.66
CA ARG B 213 -23.86 -10.97 -4.79
C ARG B 213 -23.65 -9.51 -4.35
N ASP B 214 -22.41 -9.18 -4.03
CA ASP B 214 -22.07 -7.82 -3.67
C ASP B 214 -22.44 -6.90 -4.86
N ASP B 215 -21.99 -7.24 -6.08
CA ASP B 215 -22.34 -6.41 -7.25
C ASP B 215 -23.88 -6.40 -7.44
N TYR B 216 -24.52 -7.57 -7.29
CA TYR B 216 -25.97 -7.65 -7.43
C TYR B 216 -26.71 -6.76 -6.39
N LEU B 217 -26.40 -6.94 -5.12
CA LEU B 217 -27.10 -6.18 -4.06
C LEU B 217 -26.91 -4.67 -4.12
N ASN B 218 -25.74 -4.23 -4.61
CA ASN B 218 -25.49 -2.79 -4.75
C ASN B 218 -26.60 -2.14 -5.63
N LEU B 219 -27.03 -2.83 -6.68
CA LEU B 219 -28.08 -2.33 -7.56
C LEU B 219 -29.51 -2.71 -7.15
N LYS B 220 -29.68 -3.88 -6.56
CA LYS B 220 -30.99 -4.36 -6.14
C LYS B 220 -31.52 -3.68 -4.86
N ASP B 221 -30.63 -3.25 -3.96
CA ASP B 221 -31.08 -2.56 -2.75
C ASP B 221 -31.55 -1.13 -3.07
N PHE B 222 -31.08 -0.61 -4.21
CA PHE B 222 -31.45 0.72 -4.67
C PHE B 222 -32.75 0.65 -5.52
N GLN B 223 -32.93 -0.47 -6.22
CA GLN B 223 -34.12 -0.70 -7.05
C GLN B 223 -35.33 -1.03 -6.16
N MET B 224 -35.04 -1.39 -4.91
CA MET B 224 -36.07 -1.75 -3.91
C MET B 224 -36.17 -0.68 -2.82
N SER B 225 -35.44 0.41 -2.99
CA SER B 225 -35.45 1.50 -2.02
C SER B 225 -34.47 2.60 -2.45
N PHE B 230 -28.68 3.67 -2.75
CA PHE B 230 -27.49 4.47 -3.18
C PHE B 230 -26.99 4.07 -4.57
N ALA B 231 -26.84 2.77 -4.79
CA ALA B 231 -26.30 2.25 -6.04
C ALA B 231 -24.95 2.93 -6.36
N GLU B 232 -24.07 3.04 -5.37
CA GLU B 232 -22.77 3.68 -5.55
C GLU B 232 -21.90 3.10 -6.69
N ASP B 233 -22.09 1.82 -6.99
CA ASP B 233 -21.32 1.20 -8.08
C ASP B 233 -21.55 2.00 -9.39
N ILE B 234 -22.74 2.54 -9.58
CA ILE B 234 -23.02 3.34 -10.77
C ILE B 234 -22.25 4.67 -10.75
N THR B 235 -22.25 5.31 -9.60
CA THR B 235 -21.57 6.57 -9.40
C THR B 235 -20.06 6.36 -9.65
N GLU B 236 -19.57 5.18 -9.27
CA GLU B 236 -18.17 4.82 -9.44
C GLU B 236 -17.78 4.39 -10.88
N GLY B 237 -18.77 4.00 -11.69
CA GLY B 237 -18.49 3.56 -13.06
C GLY B 237 -17.99 2.13 -13.08
N LYS B 238 -18.23 1.37 -12.01
CA LYS B 238 -17.73 -0.03 -11.89
C LYS B 238 -18.22 -1.01 -12.95
N LEU B 239 -17.30 -1.83 -13.50
CA LEU B 239 -17.72 -2.83 -14.48
C LEU B 239 -18.18 -4.04 -13.61
N SER B 240 -19.32 -3.87 -12.94
CA SER B 240 -19.88 -4.90 -12.05
C SER B 240 -20.49 -6.03 -12.87
N PHE B 241 -20.76 -7.18 -12.26
CA PHE B 241 -21.33 -8.31 -12.98
C PHE B 241 -22.64 -7.95 -13.72
N PRO B 242 -23.58 -7.23 -13.06
CA PRO B 242 -24.76 -6.96 -13.90
C PRO B 242 -24.45 -6.03 -15.09
N ILE B 243 -23.58 -5.05 -14.88
CA ILE B 243 -23.21 -4.14 -15.94
C ILE B 243 -22.45 -4.91 -17.06
N VAL B 244 -21.59 -5.86 -16.70
CA VAL B 244 -20.84 -6.60 -17.72
C VAL B 244 -21.86 -7.34 -18.58
N HIS B 245 -22.85 -7.95 -17.92
CA HIS B 245 -23.89 -8.63 -18.67
C HIS B 245 -24.67 -7.61 -19.56
N ALA B 246 -25.15 -6.50 -19.01
CA ALA B 246 -25.88 -5.52 -19.82
C ALA B 246 -25.10 -5.01 -21.05
N LEU B 247 -23.83 -4.66 -20.86
CA LEU B 247 -23.02 -4.15 -21.98
C LEU B 247 -22.80 -5.19 -23.06
N ASN B 248 -22.58 -6.44 -22.68
CA ASN B 248 -22.34 -7.50 -23.68
C ASN B 248 -23.63 -7.98 -24.37
N PHE B 249 -24.75 -7.92 -23.65
CA PHE B 249 -26.04 -8.32 -24.20
C PHE B 249 -26.42 -7.30 -25.26
N THR B 250 -26.36 -6.01 -24.89
CA THR B 250 -26.69 -4.96 -25.83
C THR B 250 -25.77 -5.03 -27.03
N LYS B 251 -24.49 -5.28 -26.80
CA LYS B 251 -23.57 -5.36 -27.95
C LYS B 251 -24.06 -6.41 -28.92
N THR B 252 -24.11 -7.66 -28.45
CA THR B 252 -24.54 -8.87 -29.18
C THR B 252 -25.88 -8.76 -29.93
N LYS B 253 -26.86 -8.12 -29.30
CA LYS B 253 -28.15 -7.96 -29.93
C LYS B 253 -28.21 -6.68 -30.74
N GLY B 254 -27.04 -6.07 -30.98
CA GLY B 254 -27.00 -4.85 -31.77
C GLY B 254 -27.81 -3.67 -31.29
N GLN B 255 -28.15 -3.65 -30.01
CA GLN B 255 -28.90 -2.52 -29.50
C GLN B 255 -27.89 -1.37 -29.22
N THR B 256 -27.40 -0.84 -30.32
CA THR B 256 -26.42 0.22 -30.32
C THR B 256 -26.77 1.35 -29.38
N GLU B 257 -27.94 1.93 -29.50
CA GLU B 257 -28.22 3.03 -28.61
C GLU B 257 -28.26 2.66 -27.12
N GLN B 258 -28.74 1.45 -26.79
CA GLN B 258 -28.82 0.99 -25.38
C GLN B 258 -27.40 0.82 -24.84
N HIS B 259 -26.57 0.19 -25.65
CA HIS B 259 -25.19 -0.05 -25.30
C HIS B 259 -24.60 1.31 -24.91
N ASN B 260 -24.63 2.25 -25.84
CA ASN B 260 -24.08 3.58 -25.58
C ASN B 260 -24.72 4.32 -24.42
N GLU B 261 -26.02 4.15 -24.21
CA GLU B 261 -26.64 4.84 -23.09
C GLU B 261 -26.04 4.29 -21.75
N ILE B 262 -25.79 3.00 -21.66
CA ILE B 262 -25.19 2.44 -20.43
C ILE B 262 -23.81 3.08 -20.19
N LEU B 263 -23.01 3.13 -21.24
CA LEU B 263 -21.69 3.74 -21.13
C LEU B 263 -21.76 5.19 -20.72
N ARG B 264 -22.67 5.96 -21.31
CA ARG B 264 -22.76 7.38 -20.98
C ARG B 264 -23.15 7.58 -19.53
N ILE B 265 -24.02 6.72 -18.99
CA ILE B 265 -24.39 6.89 -17.59
C ILE B 265 -23.20 6.52 -16.72
N LEU B 266 -22.49 5.46 -17.06
CA LEU B 266 -21.32 5.10 -16.26
C LEU B 266 -20.26 6.21 -16.26
N LEU B 267 -20.00 6.78 -17.43
CA LEU B 267 -19.01 7.82 -17.60
C LEU B 267 -19.37 9.14 -16.93
N LEU B 268 -20.63 9.33 -16.61
CA LEU B 268 -21.04 10.55 -15.91
C LEU B 268 -20.57 10.61 -14.46
N ARG B 269 -20.23 9.45 -13.89
CA ARG B 269 -19.87 9.40 -12.48
C ARG B 269 -20.95 10.15 -11.71
N THR B 270 -22.22 9.88 -12.00
CA THR B 270 -23.32 10.61 -11.38
C THR B 270 -23.84 10.12 -9.99
N SER B 271 -24.29 11.06 -9.20
CA SER B 271 -24.90 10.76 -7.90
C SER B 271 -26.41 11.09 -8.03
N ASP B 272 -26.84 11.45 -9.23
CA ASP B 272 -28.25 11.81 -9.46
C ASP B 272 -29.16 10.58 -9.43
N LYS B 273 -30.03 10.52 -8.43
CA LYS B 273 -30.91 9.38 -8.26
C LYS B 273 -31.72 9.03 -9.50
N ASP B 274 -32.24 10.01 -10.19
CA ASP B 274 -33.03 9.72 -11.37
C ASP B 274 -32.23 9.09 -12.53
N ILE B 275 -31.02 9.60 -12.75
CA ILE B 275 -30.17 9.09 -13.82
C ILE B 275 -29.77 7.66 -13.46
N LYS B 276 -29.56 7.43 -12.18
CA LYS B 276 -29.20 6.10 -11.73
C LYS B 276 -30.38 5.15 -11.92
N LEU B 277 -31.58 5.64 -11.62
CA LEU B 277 -32.75 4.81 -11.83
C LEU B 277 -32.86 4.46 -13.32
N LYS B 278 -32.52 5.40 -14.19
CA LYS B 278 -32.60 5.15 -15.64
C LYS B 278 -31.73 3.97 -16.09
N LEU B 279 -30.51 3.88 -15.54
CA LEU B 279 -29.64 2.76 -15.89
C LEU B 279 -30.27 1.46 -15.34
N ILE B 280 -30.81 1.52 -14.12
CA ILE B 280 -31.41 0.31 -13.57
C ILE B 280 -32.63 -0.10 -14.43
N GLN B 281 -33.34 0.89 -14.97
CA GLN B 281 -34.45 0.59 -15.86
C GLN B 281 -33.97 -0.13 -17.14
N ILE B 282 -32.80 0.24 -17.64
CA ILE B 282 -32.26 -0.42 -18.83
C ILE B 282 -31.95 -1.90 -18.51
N LEU B 283 -31.31 -2.12 -17.36
CA LEU B 283 -30.94 -3.46 -16.95
C LEU B 283 -32.17 -4.29 -16.60
N GLU B 284 -33.23 -3.66 -16.11
CA GLU B 284 -34.41 -4.44 -15.74
C GLU B 284 -35.36 -4.69 -16.91
N PHE B 285 -35.72 -3.67 -17.69
CA PHE B 285 -36.64 -3.90 -18.82
C PHE B 285 -36.01 -4.27 -20.15
N ASP B 286 -34.76 -3.91 -20.38
CA ASP B 286 -34.13 -4.23 -21.66
C ASP B 286 -33.20 -5.44 -21.74
N THR B 287 -32.30 -5.59 -20.77
CA THR B 287 -31.36 -6.69 -20.83
C THR B 287 -31.67 -7.78 -19.83
N ASN B 288 -32.52 -7.45 -18.86
CA ASN B 288 -32.92 -8.36 -17.82
C ASN B 288 -31.68 -8.86 -17.06
N SER B 289 -30.72 -7.96 -16.92
CA SER B 289 -29.47 -8.26 -16.23
C SER B 289 -29.61 -8.59 -14.72
N LEU B 290 -30.54 -7.98 -13.99
CA LEU B 290 -30.64 -8.27 -12.55
C LEU B 290 -31.16 -9.70 -12.32
N ALA B 291 -32.11 -10.13 -13.16
CA ALA B 291 -32.67 -11.47 -13.07
C ALA B 291 -31.60 -12.45 -13.56
N TYR B 292 -30.92 -12.10 -14.63
CA TYR B 292 -29.86 -12.98 -15.13
C TYR B 292 -28.84 -13.18 -13.98
N THR B 293 -28.59 -12.12 -13.20
CA THR B 293 -27.61 -12.21 -12.11
C THR B 293 -28.14 -13.06 -10.95
N LYS B 294 -29.36 -12.78 -10.51
CA LYS B 294 -29.99 -13.53 -9.42
C LYS B 294 -29.91 -15.03 -9.72
N ASN B 295 -30.21 -15.34 -10.97
CA ASN B 295 -30.16 -16.70 -11.42
C ASN B 295 -28.73 -17.25 -11.42
N PHE B 296 -27.77 -16.42 -11.85
CA PHE B 296 -26.38 -16.89 -11.92
C PHE B 296 -25.90 -17.24 -10.51
N ILE B 297 -26.18 -16.37 -9.56
CA ILE B 297 -25.77 -16.62 -8.18
C ILE B 297 -26.42 -17.90 -7.65
N ASN B 298 -27.72 -18.05 -7.86
CA ASN B 298 -28.41 -19.25 -7.38
C ASN B 298 -27.78 -20.52 -7.96
N GLN B 299 -27.38 -20.49 -9.22
CA GLN B 299 -26.77 -21.67 -9.79
C GLN B 299 -25.45 -21.96 -9.11
N LEU B 300 -24.68 -20.92 -8.76
CA LEU B 300 -23.39 -21.16 -8.09
C LEU B 300 -23.66 -21.79 -6.74
N VAL B 301 -24.63 -21.23 -6.03
CA VAL B 301 -24.99 -21.72 -4.72
C VAL B 301 -25.50 -23.15 -4.78
N ASN B 302 -26.26 -23.49 -5.82
CA ASN B 302 -26.75 -24.86 -5.97
C ASN B 302 -25.62 -25.84 -6.19
N MET B 303 -24.51 -25.38 -6.75
CA MET B 303 -23.38 -26.27 -6.98
C MET B 303 -22.87 -26.81 -5.65
N ILE B 304 -23.11 -26.05 -4.58
CA ILE B 304 -22.67 -26.48 -3.27
C ILE B 304 -23.82 -27.22 -2.59
N LYS B 305 -25.00 -26.64 -2.68
CA LYS B 305 -26.18 -27.24 -2.07
C LYS B 305 -26.41 -28.65 -2.57
N ASN B 306 -26.10 -28.90 -3.85
CA ASN B 306 -26.30 -30.22 -4.42
C ASN B 306 -25.01 -31.04 -4.52
N ASP B 307 -24.05 -30.77 -3.64
CA ASP B 307 -22.78 -31.50 -3.65
C ASP B 307 -22.89 -32.64 -2.65
N ASN B 308 -23.58 -33.70 -3.07
CA ASN B 308 -23.80 -34.86 -2.21
C ASN B 308 -22.60 -35.79 -2.19
N GLU B 309 -21.89 -35.86 -3.31
CA GLU B 309 -20.72 -36.70 -3.40
C GLU B 309 -19.50 -36.02 -2.76
N ASN B 310 -19.75 -34.89 -2.10
CA ASN B 310 -18.71 -34.10 -1.45
C ASN B 310 -17.53 -33.76 -2.35
N LYS B 311 -17.82 -33.28 -3.55
CA LYS B 311 -16.73 -32.93 -4.43
C LYS B 311 -16.12 -31.62 -3.95
N TYR B 312 -16.96 -30.72 -3.43
CA TYR B 312 -16.47 -29.41 -2.97
C TYR B 312 -16.44 -29.35 -1.46
N LEU B 313 -17.54 -29.77 -0.86
CA LEU B 313 -17.66 -29.80 0.58
C LEU B 313 -16.66 -30.80 1.14
N PRO B 314 -16.31 -30.67 2.43
CA PRO B 314 -15.35 -31.62 2.98
C PRO B 314 -16.07 -32.92 3.35
N ASP B 328 -24.73 -27.98 5.85
CA ASP B 328 -25.22 -27.60 7.21
C ASP B 328 -24.83 -26.16 7.53
N GLU B 329 -24.04 -25.93 8.58
CA GLU B 329 -23.64 -24.56 8.93
C GLU B 329 -23.13 -23.78 7.72
N LEU B 330 -22.78 -24.52 6.67
CA LEU B 330 -22.29 -23.92 5.44
C LEU B 330 -23.42 -23.09 4.82
N LEU B 331 -24.65 -23.61 4.96
CA LEU B 331 -25.86 -22.96 4.45
C LEU B 331 -25.99 -21.58 5.09
N TYR B 332 -26.01 -21.52 6.41
CA TYR B 332 -26.12 -20.25 7.12
C TYR B 332 -24.99 -19.29 6.67
N ILE B 333 -23.80 -19.84 6.48
CA ILE B 333 -22.66 -19.05 6.05
C ILE B 333 -22.89 -18.49 4.65
N ILE B 334 -23.23 -19.38 3.71
CA ILE B 334 -23.44 -18.94 2.35
C ILE B 334 -24.57 -17.93 2.20
N ASP B 335 -25.59 -18.02 3.04
CA ASP B 335 -26.70 -17.07 2.97
C ASP B 335 -26.37 -15.76 3.67
N HIS B 336 -25.33 -15.76 4.48
CA HIS B 336 -24.91 -14.55 5.19
C HIS B 336 -23.51 -14.15 4.72
N LEU B 337 -23.19 -14.59 3.50
CA LEU B 337 -21.92 -14.36 2.87
C LEU B 337 -21.69 -12.89 2.74
N SER B 338 -22.77 -12.14 2.62
CA SER B 338 -22.66 -10.69 2.48
C SER B 338 -22.29 -9.96 3.74
N GLU B 339 -22.12 -10.65 4.86
CA GLU B 339 -21.72 -9.96 6.10
C GLU B 339 -20.19 -9.98 6.25
N LEU B 340 -19.54 -10.77 5.39
CA LEU B 340 -18.09 -10.91 5.40
C LEU B 340 -17.32 -9.60 5.24
MG MG C . 7.71 13.99 -0.78
CAA 742 D . 23.05 1.47 1.18
CAJ 742 D . 22.17 1.53 -0.07
CAK 742 D . 21.28 2.77 -0.01
CAL 742 D . 20.25 2.82 -1.14
CAM 742 D . 19.52 4.15 -1.04
CAN 742 D . 18.26 4.17 -1.93
CAO 742 D . 17.66 5.57 -1.99
CAP 742 D . 17.13 6.09 -0.65
CAQ 742 D . 16.20 7.27 -0.92
CAR 742 D . 15.60 7.89 0.33
CAS 742 D . 14.39 8.76 -0.03
CAT 742 D . 13.86 9.51 1.19
PAY 742 D . 12.16 10.09 0.97
CAB 742 D . 11.35 9.77 2.55
CAC 742 D . 11.33 9.16 -0.30
CAU 742 D . 12.17 11.86 0.61
CAV 742 D . 10.80 12.33 0.09
PAX 742 D . 9.75 12.98 1.46
OAH 742 D . 9.25 11.69 2.29
OAI 742 D . 10.71 13.78 2.46
OAE 742 D . 8.62 13.78 0.92
PAW 742 D . 11.00 13.62 -1.20
OAF 742 D . 9.54 14.09 -1.69
OAG 742 D . 11.62 14.91 -0.44
OAD 742 D . 11.83 13.17 -2.33
MG MG E . -15.16 -0.72 -3.42
CAA 742 F . -11.44 -18.54 4.59
CAJ 742 F . -12.13 -17.50 5.47
CAK 742 F . -11.94 -16.09 4.92
CAL 742 F . -12.60 -15.06 5.84
CAM 742 F . -12.37 -13.64 5.36
CAN 742 F . -13.05 -13.39 4.02
CAO 742 F . -12.89 -11.93 3.59
CAP 742 F . -13.57 -11.67 2.26
CAQ 742 F . -13.40 -10.19 1.85
CAR 742 F . -13.98 -9.91 0.47
CAS 742 F . -13.69 -8.46 0.05
CAT 742 F . -14.03 -8.28 -1.43
PAY 742 F . -13.61 -6.64 -2.07
CAB 742 F . -12.66 -6.91 -3.56
CAC 742 F . -12.65 -5.71 -0.89
CAU 742 F . -15.19 -5.83 -2.47
CAV 742 F . -15.06 -4.31 -2.63
PAX 742 F . -14.73 -3.83 -4.38
OAH 742 F . -13.18 -4.16 -4.68
OAI 742 F . -15.58 -4.84 -5.30
OAE 742 F . -15.09 -2.42 -4.62
PAW 742 F . -16.56 -3.46 -2.02
OAF 742 F . -16.29 -1.87 -2.08
OAG 742 F . -17.79 -3.73 -3.02
OAD 742 F . -16.86 -3.88 -0.63
#